data_2VLF
#
_entry.id   2VLF
#
_cell.length_a   132.846
_cell.length_b   143.687
_cell.length_c   59.618
_cell.angle_alpha   90.00
_cell.angle_beta   90.00
_cell.angle_gamma   90.00
#
_symmetry.space_group_name_H-M   'P 21 21 2'
#
loop_
_entity.id
_entity.type
_entity.pdbx_description
1 polymer 'TYROSINE PHENOL-LYASE'
2 non-polymer '(2E)-2-{[(Z)-{3-HYDROXY-2-METHYL-5-[(PHOSPHONOOXY)METHYL]PYRIDIN-4(1H)-YLIDENE}METHYL]IMINO}PROPANOIC ACID'
3 non-polymer 'TRIETHYLENE GLYCOL'
4 non-polymer 'POTASSIUM ION'
5 non-polymer 3,6,9,12,15,18-HEXAOXAICOSANE-1,20-DIOL
6 water water
#
_entity_poly.entity_id   1
_entity_poly.type   'polypeptide(L)'
_entity_poly.pdbx_seq_one_letter_code
;MNYPAEPFRIKSVETVSMIPRDERLKKMQEAGYNTFLLNSKDIYIDLLTDSGTNAMSDKQWAGMMMGDEAYAGSENFYHL
ERTVQELFGFKHIVPTHQGRGAENLLSQLAIKPGQYVAGNMYFTTTRYHQEKNGAVFVDIVRDEAHDAGLNIAFKGDIDL
KKLQKLIDEKGAENIAYICLAVTVNLAGGQPVSMANMRAVRELTEAHGIKVFYDATRCVENAYFIKEQEQGFENKSIAEI
VHEMFSYADGCTMSGKKDCLVNIGGFLCMNDDEMFSSAKELVVVYEGMPSYGGLAGRDMEAMAIGLREAMQYEYIEHRVK
QVRYLGDKLKAAGVPIVEPVGGHAVFLDARRFCEHLTQDEFPAQSLAASIYVETGVRSMERGIISAGRNNVTGEHHRPKL
ETVRLTIPRRVYTYAHMDVVADGIIKLYQHKEDIRGLKFIYEPKQLRFFTARFDYI
;
_entity_poly.pdbx_strand_id   A,B
#
loop_
_chem_comp.id
_chem_comp.type
_chem_comp.name
_chem_comp.formula
K non-polymer 'POTASSIUM ION' 'K 1'
P33 non-polymer 3,6,9,12,15,18-HEXAOXAICOSANE-1,20-DIOL 'C14 H30 O8'
PGE non-polymer 'TRIETHYLENE GLYCOL' 'C6 H14 O4'
PLI non-polymer '(2E)-2-{[(Z)-{3-HYDROXY-2-METHYL-5-[(PHOSPHONOOXY)METHYL]PYRIDIN-4(1H)-YLIDENE}METHYL]IMINO}PROPANOIC ACID' 'C11 H15 N2 O7 P'
#
# COMPACT_ATOMS: atom_id res chain seq x y z
N MET A 1 -33.08 22.19 5.81
CA MET A 1 -32.32 23.46 5.61
C MET A 1 -31.06 23.48 6.50
N ASN A 2 -31.23 23.91 7.75
CA ASN A 2 -30.12 24.03 8.70
C ASN A 2 -29.45 22.69 8.95
N TYR A 3 -30.23 21.70 9.35
CA TYR A 3 -29.61 20.41 9.59
C TYR A 3 -30.45 19.30 8.98
N PRO A 4 -30.08 18.88 7.77
CA PRO A 4 -30.87 17.83 7.12
C PRO A 4 -30.66 16.47 7.74
N ALA A 5 -31.66 15.60 7.59
CA ALA A 5 -31.55 14.24 8.07
C ALA A 5 -30.61 13.47 7.16
N GLU A 6 -30.16 12.27 7.57
CA GLU A 6 -29.22 11.46 6.77
C GLU A 6 -29.89 11.11 5.42
N PRO A 7 -29.23 11.42 4.29
CA PRO A 7 -29.84 11.09 2.99
C PRO A 7 -29.52 9.63 2.58
N PHE A 8 -29.72 8.70 3.52
CA PHE A 8 -29.50 7.26 3.30
C PHE A 8 -30.14 6.57 4.48
N ARG A 9 -30.25 5.25 4.43
CA ARG A 9 -30.75 4.47 5.59
C ARG A 9 -29.57 3.68 6.12
N ILE A 10 -29.69 3.16 7.36
CA ILE A 10 -28.65 2.28 7.88
C ILE A 10 -28.88 0.90 7.30
N LYS A 11 -27.83 0.35 6.66
CA LYS A 11 -27.88 -1.03 6.13
C LYS A 11 -27.38 -2.05 7.14
N SER A 12 -26.26 -1.74 7.78
CA SER A 12 -25.75 -2.55 8.91
C SER A 12 -25.07 -1.71 9.96
N VAL A 13 -24.90 -2.32 11.15
CA VAL A 13 -24.45 -1.58 12.32
C VAL A 13 -23.22 -2.29 12.94
N GLU A 14 -22.44 -1.50 13.72
CA GLU A 14 -21.37 -1.98 14.64
C GLU A 14 -21.73 -1.53 16.05
N THR A 15 -21.63 -2.38 17.05
CA THR A 15 -22.01 -1.97 18.42
C THR A 15 -21.00 -0.93 19.00
N VAL A 16 -21.44 0.04 19.82
CA VAL A 16 -20.49 0.92 20.53
C VAL A 16 -20.72 0.86 22.05
N SER A 17 -19.65 1.04 22.83
CA SER A 17 -19.78 1.00 24.29
C SER A 17 -18.68 1.76 24.95
N MET A 18 -18.86 2.06 26.23
CA MET A 18 -17.90 2.89 26.95
C MET A 18 -17.41 2.13 28.19
N ILE A 19 -16.09 2.02 28.33
CA ILE A 19 -15.43 1.56 29.57
C ILE A 19 -15.36 2.68 30.65
N PRO A 20 -15.39 2.28 31.95
CA PRO A 20 -15.52 3.28 33.00
C PRO A 20 -14.38 4.28 33.00
N ARG A 21 -14.63 5.43 33.62
CA ARG A 21 -13.61 6.46 33.71
C ARG A 21 -12.34 5.89 34.33
N ASP A 22 -12.49 5.07 35.38
CA ASP A 22 -11.33 4.46 36.03
C ASP A 22 -10.50 3.67 35.03
N GLU A 23 -11.16 3.00 34.09
CA GLU A 23 -10.45 2.18 33.15
C GLU A 23 -9.78 3.01 32.08
N ARG A 24 -10.53 3.99 31.55
CA ARG A 24 -10.00 5.02 30.66
C ARG A 24 -8.75 5.74 31.17
N LEU A 25 -8.76 6.11 32.46
CA LEU A 25 -7.58 6.73 33.10
C LEU A 25 -6.33 5.85 32.95
N LYS A 26 -6.48 4.58 33.29
CA LYS A 26 -5.42 3.58 33.19
C LYS A 26 -4.90 3.48 31.75
N LYS A 27 -5.83 3.37 30.80
CA LYS A 27 -5.56 3.25 29.37
C LYS A 27 -4.83 4.46 28.80
N MET A 28 -5.24 5.67 29.26
CA MET A 28 -4.57 6.90 28.82
C MET A 28 -3.12 6.93 29.29
N GLN A 29 -2.89 6.54 30.53
CA GLN A 29 -1.53 6.48 31.03
C GLN A 29 -0.70 5.47 30.23
N GLU A 30 -1.29 4.29 30.02
CA GLU A 30 -0.62 3.18 29.32
C GLU A 30 -0.27 3.56 27.87
N ALA A 31 -1.07 4.44 27.29
CA ALA A 31 -0.81 5.05 25.96
C ALA A 31 0.14 6.28 26.01
N GLY A 32 0.78 6.52 27.17
CA GLY A 32 1.72 7.65 27.35
C GLY A 32 1.07 8.97 26.96
N TYR A 33 -0.22 9.10 27.28
CA TYR A 33 -0.99 10.32 27.07
C TYR A 33 -1.07 10.79 25.61
N ASN A 34 -0.82 9.86 24.68
CA ASN A 34 -1.00 10.10 23.24
C ASN A 34 -2.24 9.35 22.78
N THR A 35 -3.29 10.05 22.36
CA THR A 35 -4.50 9.36 21.86
C THR A 35 -4.23 8.37 20.72
N PHE A 36 -3.20 8.60 19.90
CA PHE A 36 -2.90 7.63 18.83
C PHE A 36 -2.63 6.25 19.42
N LEU A 37 -2.14 6.20 20.65
CA LEU A 37 -1.70 4.91 21.19
C LEU A 37 -2.80 4.09 21.94
N LEU A 38 -4.00 4.65 22.10
CA LEU A 38 -5.14 3.85 22.61
C LEU A 38 -5.66 2.81 21.60
N ASN A 39 -6.27 1.75 22.15
CA ASN A 39 -6.83 0.67 21.36
C ASN A 39 -8.26 1.00 20.96
N SER A 40 -8.65 0.53 19.78
CA SER A 40 -10.01 0.77 19.22
C SER A 40 -11.09 0.24 20.13
N LYS A 41 -10.87 -0.97 20.67
CA LYS A 41 -11.84 -1.59 21.57
C LYS A 41 -12.12 -0.68 22.80
N ASP A 42 -11.14 0.17 23.17
CA ASP A 42 -11.25 1.00 24.37
C ASP A 42 -11.89 2.36 24.13
N ILE A 43 -12.37 2.57 22.92
CA ILE A 43 -12.93 3.85 22.53
C ILE A 43 -14.44 3.76 22.31
N TYR A 44 -15.16 4.74 22.86
CA TYR A 44 -16.61 4.79 22.73
C TYR A 44 -17.04 5.41 21.38
N ILE A 45 -16.63 6.65 21.11
CA ILE A 45 -16.91 7.30 19.78
C ILE A 45 -15.56 7.73 19.27
N ASP A 46 -15.15 7.24 18.10
CA ASP A 46 -13.75 7.39 17.67
C ASP A 46 -13.64 8.50 16.64
N LEU A 47 -13.31 9.70 17.12
CA LEU A 47 -13.15 10.89 16.22
C LEU A 47 -11.67 11.22 15.97
N LEU A 48 -10.81 10.20 16.08
CA LEU A 48 -9.36 10.41 15.81
C LEU A 48 -9.19 10.98 14.40
N THR A 49 -9.87 10.39 13.42
CA THR A 49 -9.71 10.82 12.02
C THR A 49 -10.88 10.41 11.14
N ASP A 50 -11.11 11.19 10.06
CA ASP A 50 -12.03 10.80 9.01
C ASP A 50 -11.34 9.96 7.93
N SER A 51 -10.08 9.57 8.17
CA SER A 51 -9.28 8.83 7.20
C SER A 51 -9.49 7.32 7.29
N GLY A 52 -10.16 6.76 6.29
CA GLY A 52 -10.27 5.30 6.21
C GLY A 52 -11.33 4.72 7.14
N THR A 53 -12.09 5.59 7.79
CA THR A 53 -13.02 5.16 8.84
C THR A 53 -14.47 5.27 8.36
N ASN A 54 -14.64 5.56 7.07
CA ASN A 54 -15.95 5.80 6.46
C ASN A 54 -16.80 4.50 6.36
N ALA A 55 -18.12 4.67 6.44
CA ALA A 55 -19.07 3.56 6.13
C ALA A 55 -19.32 3.55 4.64
N MET A 56 -19.12 2.38 4.05
CA MET A 56 -19.40 2.16 2.65
C MET A 56 -20.86 1.89 2.45
N SER A 57 -21.31 1.96 1.21
CA SER A 57 -22.70 1.71 0.87
C SER A 57 -22.94 0.26 0.48
N ASP A 58 -24.20 -0.12 0.38
CA ASP A 58 -24.55 -1.45 -0.12
C ASP A 58 -23.97 -1.64 -1.53
N LYS A 59 -23.98 -0.59 -2.35
CA LYS A 59 -23.47 -0.71 -3.73
C LYS A 59 -21.95 -0.97 -3.74
N GLN A 60 -21.26 -0.25 -2.88
CA GLN A 60 -19.81 -0.50 -2.74
C GLN A 60 -19.55 -1.92 -2.20
N TRP A 61 -20.32 -2.36 -1.21
CA TRP A 61 -20.16 -3.76 -0.73
C TRP A 61 -20.50 -4.78 -1.85
N ALA A 62 -21.48 -4.51 -2.71
CA ALA A 62 -21.71 -5.38 -3.88
C ALA A 62 -20.45 -5.43 -4.79
N GLY A 63 -19.84 -4.27 -5.03
CA GLY A 63 -18.57 -4.17 -5.77
C GLY A 63 -17.46 -4.94 -5.07
N MET A 64 -17.44 -4.93 -3.75
CA MET A 64 -16.48 -5.75 -2.98
C MET A 64 -16.55 -7.26 -3.24
N MET A 65 -17.72 -7.78 -3.60
CA MET A 65 -17.89 -9.20 -3.92
C MET A 65 -17.43 -9.49 -5.36
N MET A 66 -17.19 -8.46 -6.14
CA MET A 66 -16.79 -8.62 -7.56
C MET A 66 -15.36 -8.20 -7.80
N GLY A 67 -14.53 -8.36 -6.79
CA GLY A 67 -13.11 -8.12 -6.95
C GLY A 67 -12.53 -9.03 -8.04
N ASP A 68 -11.92 -8.41 -9.03
CA ASP A 68 -11.25 -9.09 -10.12
C ASP A 68 -9.79 -8.88 -9.77
N GLU A 69 -9.20 -9.94 -9.19
CA GLU A 69 -7.92 -9.82 -8.50
C GLU A 69 -6.69 -9.98 -9.38
N ALA A 70 -6.88 -9.89 -10.70
CA ALA A 70 -5.79 -10.09 -11.64
C ALA A 70 -4.70 -9.04 -11.43
N TYR A 71 -3.47 -9.45 -11.73
CA TYR A 71 -2.31 -8.63 -11.46
C TYR A 71 -2.22 -7.49 -12.51
N ALA A 72 -2.78 -7.74 -13.70
CA ALA A 72 -2.83 -6.72 -14.75
C ALA A 72 -4.16 -6.91 -15.45
N GLY A 73 -4.75 -5.82 -15.95
CA GLY A 73 -5.96 -5.97 -16.73
C GLY A 73 -7.24 -6.19 -15.92
N SER A 74 -7.22 -5.98 -14.60
CA SER A 74 -8.44 -6.12 -13.80
C SER A 74 -9.55 -5.17 -14.23
N GLU A 75 -10.78 -5.68 -14.32
CA GLU A 75 -11.92 -4.77 -14.58
C GLU A 75 -12.00 -3.66 -13.55
N ASN A 76 -11.58 -3.92 -12.30
CA ASN A 76 -11.72 -2.90 -11.29
C ASN A 76 -10.78 -1.73 -11.53
N PHE A 77 -9.60 -2.00 -12.08
CA PHE A 77 -8.65 -0.95 -12.48
C PHE A 77 -9.27 -0.10 -13.58
N TYR A 78 -9.80 -0.76 -14.59
CA TYR A 78 -10.38 0.02 -15.71
C TYR A 78 -11.53 0.91 -15.25
N HIS A 79 -12.33 0.41 -14.29
CA HIS A 79 -13.46 1.17 -13.76
C HIS A 79 -12.91 2.36 -12.98
N LEU A 80 -11.94 2.14 -12.12
CA LEU A 80 -11.32 3.28 -11.38
C LEU A 80 -10.78 4.30 -12.35
N GLU A 81 -9.98 3.82 -13.29
CA GLU A 81 -9.34 4.69 -14.29
C GLU A 81 -10.37 5.52 -15.02
N ARG A 82 -11.39 4.90 -15.61
CA ARG A 82 -12.33 5.75 -16.35
C ARG A 82 -13.16 6.68 -15.43
N THR A 83 -13.43 6.24 -14.19
CA THR A 83 -14.18 7.10 -13.27
C THR A 83 -13.38 8.37 -12.97
N VAL A 84 -12.10 8.21 -12.60
CA VAL A 84 -11.26 9.36 -12.25
C VAL A 84 -11.03 10.25 -13.49
N GLN A 85 -10.80 9.63 -14.63
CA GLN A 85 -10.70 10.44 -15.89
C GLN A 85 -11.95 11.27 -16.13
N GLU A 86 -13.12 10.66 -15.94
CA GLU A 86 -14.41 11.36 -16.13
C GLU A 86 -14.63 12.48 -15.14
N LEU A 87 -14.44 12.17 -13.86
CA LEU A 87 -14.80 13.09 -12.79
C LEU A 87 -13.74 14.19 -12.51
N PHE A 88 -12.44 13.87 -12.68
CA PHE A 88 -11.37 14.84 -12.33
C PHE A 88 -10.79 15.44 -13.58
N GLY A 89 -10.87 14.74 -14.69
CA GLY A 89 -10.45 15.31 -15.97
C GLY A 89 -8.96 15.23 -16.27
N PHE A 90 -8.21 14.45 -15.51
CA PHE A 90 -6.79 14.23 -15.82
C PHE A 90 -6.60 13.11 -16.83
N LYS A 91 -5.49 13.15 -17.56
CA LYS A 91 -5.20 12.19 -18.61
C LYS A 91 -4.83 10.79 -18.06
N HIS A 92 -4.05 10.73 -16.97
CA HIS A 92 -3.43 9.47 -16.51
C HIS A 92 -3.63 9.27 -15.04
N ILE A 93 -3.76 8.01 -14.63
CA ILE A 93 -3.90 7.71 -13.22
C ILE A 93 -2.97 6.56 -12.86
N VAL A 94 -2.37 6.66 -11.68
CA VAL A 94 -1.55 5.59 -11.12
C VAL A 94 -2.12 5.32 -9.69
N PRO A 95 -2.72 4.16 -9.48
CA PRO A 95 -3.26 3.90 -8.14
C PRO A 95 -2.12 3.71 -7.16
N THR A 96 -2.38 4.03 -5.90
CA THR A 96 -1.43 3.81 -4.84
C THR A 96 -2.24 3.27 -3.64
N HIS A 97 -1.55 2.70 -2.64
CA HIS A 97 -2.37 2.08 -1.57
C HIS A 97 -3.09 3.17 -0.75
N GLN A 98 -2.49 4.36 -0.62
CA GLN A 98 -3.16 5.51 0.02
C GLN A 98 -2.39 6.78 -0.34
N GLY A 99 -2.80 7.91 0.25
CA GLY A 99 -2.29 9.21 -0.19
C GLY A 99 -0.78 9.39 -0.04
N ARG A 100 -0.21 9.00 1.09
CA ARG A 100 1.25 9.23 1.28
C ARG A 100 2.10 8.40 0.29
N GLY A 101 1.49 7.37 -0.29
CA GLY A 101 2.15 6.60 -1.33
C GLY A 101 2.19 7.44 -2.61
N ALA A 102 1.10 8.15 -2.91
CA ALA A 102 1.11 9.07 -4.08
C ALA A 102 2.04 10.28 -3.86
N GLU A 103 2.14 10.77 -2.61
CA GLU A 103 3.09 11.88 -2.26
C GLU A 103 4.53 11.44 -2.39
N ASN A 104 4.82 10.19 -2.02
CA ASN A 104 6.14 9.62 -2.29
C ASN A 104 6.48 9.73 -3.79
N LEU A 105 5.55 9.34 -4.66
CA LEU A 105 5.83 9.35 -6.10
C LEU A 105 6.02 10.78 -6.62
N LEU A 106 5.05 11.63 -6.35
CA LEU A 106 5.14 13.02 -6.74
C LEU A 106 6.45 13.70 -6.33
N SER A 107 6.79 13.62 -5.06
CA SER A 107 7.96 14.33 -4.54
C SER A 107 9.26 13.84 -5.17
N GLN A 108 9.34 12.52 -5.40
CA GLN A 108 10.53 11.95 -6.05
C GLN A 108 10.56 12.41 -7.49
N LEU A 109 9.40 12.47 -8.14
CA LEU A 109 9.36 12.78 -9.57
C LEU A 109 9.58 14.25 -9.88
N ALA A 110 9.10 15.13 -8.99
CA ALA A 110 8.95 16.55 -9.38
C ALA A 110 9.88 17.55 -8.68
N ILE A 111 10.73 17.06 -7.78
CA ILE A 111 11.57 17.98 -6.99
C ILE A 111 13.05 17.74 -7.30
N LYS A 112 13.79 18.83 -7.61
CA LYS A 112 15.24 18.78 -7.60
C LYS A 112 15.74 19.34 -6.28
N PRO A 113 16.70 18.64 -5.63
CA PRO A 113 17.28 19.12 -4.37
C PRO A 113 17.58 20.61 -4.37
N GLY A 114 17.05 21.33 -3.38
CA GLY A 114 17.32 22.76 -3.25
C GLY A 114 16.18 23.66 -3.71
N GLN A 115 15.20 23.07 -4.38
CA GLN A 115 14.03 23.79 -4.90
C GLN A 115 13.00 24.11 -3.83
N TYR A 116 12.09 25.00 -4.14
CA TYR A 116 11.04 25.36 -3.20
C TYR A 116 9.72 24.72 -3.61
N VAL A 117 8.96 24.25 -2.63
CA VAL A 117 7.57 23.86 -2.86
C VAL A 117 6.72 24.78 -2.02
N ALA A 118 5.76 25.47 -2.65
CA ALA A 118 4.93 26.43 -1.93
C ALA A 118 3.50 25.92 -1.84
N GLY A 119 2.89 26.06 -0.67
CA GLY A 119 1.59 25.43 -0.41
C GLY A 119 0.70 26.29 0.48
N ASN A 120 -0.60 26.06 0.38
CA ASN A 120 -1.55 26.71 1.28
C ASN A 120 -1.60 25.99 2.61
N MET A 121 -0.57 26.27 3.41
CA MET A 121 -0.35 25.69 4.72
C MET A 121 0.27 24.32 4.56
N TYR A 122 1.13 23.94 5.50
CA TYR A 122 1.79 22.63 5.40
C TYR A 122 0.77 21.53 5.71
N PHE A 123 1.08 20.31 5.28
CA PHE A 123 0.52 19.11 5.88
C PHE A 123 1.65 18.15 6.31
N THR A 124 1.35 17.24 7.23
CA THR A 124 2.39 16.48 7.94
C THR A 124 3.19 15.57 7.02
N THR A 125 2.56 14.55 6.42
CA THR A 125 3.21 13.60 5.49
C THR A 125 3.66 14.29 4.21
N THR A 126 2.82 15.21 3.75
CA THR A 126 3.14 16.02 2.56
C THR A 126 4.45 16.79 2.75
N ARG A 127 4.58 17.48 3.88
CA ARG A 127 5.80 18.29 4.09
C ARG A 127 7.02 17.36 4.23
N TYR A 128 6.84 16.21 4.88
CA TYR A 128 7.96 15.31 5.06
C TYR A 128 8.49 14.75 3.75
N HIS A 129 7.59 14.34 2.85
CA HIS A 129 8.02 13.86 1.53
C HIS A 129 8.70 14.96 0.69
N GLN A 130 8.24 16.21 0.82
CA GLN A 130 8.91 17.33 0.15
C GLN A 130 10.32 17.50 0.69
N GLU A 131 10.42 17.56 2.01
CA GLU A 131 11.64 17.89 2.68
C GLU A 131 12.64 16.78 2.51
N LYS A 132 12.19 15.52 2.59
CA LYS A 132 13.12 14.38 2.41
C LYS A 132 13.65 14.27 0.98
N ASN A 133 12.93 14.83 0.02
CA ASN A 133 13.46 14.89 -1.34
C ASN A 133 14.20 16.19 -1.67
N GLY A 134 14.50 16.98 -0.64
CA GLY A 134 15.41 18.14 -0.81
C GLY A 134 14.75 19.49 -1.05
N ALA A 135 13.43 19.55 -0.92
CA ALA A 135 12.69 20.81 -1.08
C ALA A 135 12.65 21.63 0.20
N VAL A 136 12.60 22.95 0.04
CA VAL A 136 12.22 23.83 1.14
C VAL A 136 10.72 24.18 1.04
N PHE A 137 9.96 23.95 2.11
CA PHE A 137 8.54 24.30 2.10
C PHE A 137 8.28 25.78 2.41
N VAL A 138 7.39 26.41 1.63
CA VAL A 138 7.06 27.84 1.78
C VAL A 138 5.55 27.95 1.91
N ASP A 139 5.08 28.50 3.03
CA ASP A 139 3.64 28.64 3.23
C ASP A 139 3.12 29.90 2.58
N ILE A 140 2.20 29.75 1.65
CA ILE A 140 1.69 30.91 0.92
C ILE A 140 0.19 31.08 1.12
N VAL A 141 -0.37 30.42 2.14
CA VAL A 141 -1.76 30.68 2.55
C VAL A 141 -1.91 32.12 3.11
N ARG A 142 -3.10 32.70 3.01
CA ARG A 142 -3.34 34.05 3.56
C ARG A 142 -3.11 33.99 5.07
N ASP A 143 -2.59 35.07 5.64
CA ASP A 143 -2.33 35.17 7.09
C ASP A 143 -3.52 34.76 7.94
N GLU A 144 -4.73 35.15 7.51
CA GLU A 144 -5.96 34.89 8.25
C GLU A 144 -6.26 33.44 8.53
N ALA A 145 -5.73 32.53 7.70
CA ALA A 145 -5.88 31.07 7.92
C ALA A 145 -5.30 30.56 9.24
N HIS A 146 -4.30 31.26 9.76
CA HIS A 146 -3.63 30.95 11.02
C HIS A 146 -4.32 31.53 12.28
N ASP A 147 -5.38 32.31 12.09
CA ASP A 147 -6.13 32.83 13.25
C ASP A 147 -7.44 32.08 13.40
N ALA A 148 -7.47 31.27 14.45
CA ALA A 148 -8.48 30.24 14.66
C ALA A 148 -9.88 30.83 14.73
N GLY A 149 -9.99 31.96 15.43
CA GLY A 149 -11.30 32.53 15.75
C GLY A 149 -11.86 33.39 14.65
N LEU A 150 -11.02 33.76 13.68
CA LEU A 150 -11.46 34.67 12.63
C LEU A 150 -12.43 34.00 11.63
N ASN A 151 -13.68 34.42 11.64
CA ASN A 151 -14.68 33.78 10.80
C ASN A 151 -14.74 34.45 9.42
N ILE A 152 -13.89 33.99 8.50
CA ILE A 152 -13.97 34.44 7.11
C ILE A 152 -14.12 33.27 6.17
N ALA A 153 -14.76 33.52 5.02
CA ALA A 153 -15.01 32.46 4.04
C ALA A 153 -13.73 32.15 3.27
N PHE A 154 -13.60 30.91 2.78
CA PHE A 154 -12.47 30.50 1.90
C PHE A 154 -11.09 30.81 2.47
N LYS A 155 -10.92 30.44 3.74
CA LYS A 155 -9.69 30.62 4.49
C LYS A 155 -8.51 29.84 3.87
N GLY A 156 -8.83 28.88 3.01
CA GLY A 156 -7.81 28.01 2.42
C GLY A 156 -7.08 28.68 1.28
N ASP A 157 -7.59 29.83 0.82
CA ASP A 157 -7.07 30.50 -0.37
C ASP A 157 -5.59 30.86 -0.23
N ILE A 158 -4.86 30.71 -1.34
CA ILE A 158 -3.48 31.13 -1.45
C ILE A 158 -3.43 32.65 -1.54
N ASP A 159 -2.50 33.25 -0.82
CA ASP A 159 -2.23 34.67 -0.95
C ASP A 159 -1.36 34.91 -2.20
N LEU A 160 -1.94 35.55 -3.20
CA LEU A 160 -1.26 35.73 -4.49
C LEU A 160 -0.05 36.66 -4.38
N LYS A 161 -0.11 37.56 -3.41
CA LYS A 161 0.98 38.50 -3.18
C LYS A 161 2.21 37.72 -2.68
N LYS A 162 1.97 36.76 -1.79
CA LYS A 162 3.04 35.88 -1.30
C LYS A 162 3.59 34.99 -2.41
N LEU A 163 2.71 34.44 -3.25
CA LEU A 163 3.15 33.65 -4.39
C LEU A 163 4.04 34.52 -5.29
N GLN A 164 3.52 35.70 -5.63
CA GLN A 164 4.25 36.62 -6.51
C GLN A 164 5.63 36.91 -5.94
N LYS A 165 5.68 37.19 -4.63
CA LYS A 165 6.94 37.46 -3.95
C LYS A 165 7.94 36.30 -4.02
N LEU A 166 7.44 35.07 -3.89
CA LEU A 166 8.30 33.88 -3.98
C LEU A 166 8.97 33.79 -5.34
N ILE A 167 8.20 34.03 -6.39
CA ILE A 167 8.70 34.01 -7.75
C ILE A 167 9.76 35.10 -7.94
N ASP A 168 9.51 36.28 -7.38
CA ASP A 168 10.44 37.41 -7.49
C ASP A 168 11.76 37.14 -6.78
N GLU A 169 11.67 36.67 -5.55
CA GLU A 169 12.86 36.52 -4.71
C GLU A 169 13.66 35.29 -5.09
N LYS A 170 12.98 34.21 -5.51
CA LYS A 170 13.66 32.94 -5.76
C LYS A 170 13.83 32.56 -7.24
N GLY A 171 13.00 33.12 -8.12
CA GLY A 171 13.03 32.73 -9.54
C GLY A 171 12.15 31.50 -9.76
N ALA A 172 11.34 31.54 -10.82
CA ALA A 172 10.41 30.46 -11.16
C ALA A 172 11.07 29.10 -11.31
N GLU A 173 12.29 29.08 -11.86
CA GLU A 173 12.98 27.80 -12.12
C GLU A 173 13.38 27.05 -10.85
N ASN A 174 13.36 27.76 -9.73
CA ASN A 174 13.73 27.19 -8.45
C ASN A 174 12.54 26.78 -7.63
N ILE A 175 11.35 26.96 -8.19
CA ILE A 175 10.14 26.47 -7.58
C ILE A 175 9.76 25.19 -8.29
N ALA A 176 9.76 24.07 -7.56
CA ALA A 176 9.40 22.78 -8.15
C ALA A 176 7.92 22.74 -8.59
N TYR A 177 7.03 23.13 -7.70
CA TYR A 177 5.62 23.25 -7.99
C TYR A 177 4.92 23.93 -6.82
N ILE A 178 3.69 24.35 -7.08
CA ILE A 178 2.77 24.79 -6.06
C ILE A 178 1.91 23.60 -5.66
N CYS A 179 1.86 23.37 -4.35
CA CYS A 179 0.99 22.36 -3.77
C CYS A 179 -0.32 23.00 -3.22
N LEU A 180 -1.42 22.87 -3.98
CA LEU A 180 -2.69 23.49 -3.57
C LEU A 180 -3.64 22.42 -3.01
N ALA A 181 -3.89 22.45 -1.71
CA ALA A 181 -4.71 21.41 -1.05
C ALA A 181 -6.14 21.86 -0.97
N VAL A 182 -7.09 20.97 -1.27
CA VAL A 182 -8.52 21.25 -1.12
C VAL A 182 -9.22 20.15 -0.32
N THR A 183 -9.95 20.46 0.76
CA THR A 183 -9.83 21.67 1.60
C THR A 183 -8.46 21.68 2.25
N VAL A 184 -8.19 22.69 3.08
CA VAL A 184 -6.96 22.75 3.89
C VAL A 184 -7.17 22.17 5.32
N ASN A 185 -6.60 20.99 5.50
CA ASN A 185 -6.84 20.17 6.68
C ASN A 185 -6.46 20.94 7.93
N LEU A 186 -5.20 21.34 8.04
CA LEU A 186 -4.74 21.97 9.28
C LEU A 186 -5.26 23.39 9.59
N ALA A 187 -5.88 24.06 8.62
CA ALA A 187 -6.51 25.36 8.86
C ALA A 187 -7.91 25.15 9.49
N GLY A 188 -8.30 23.88 9.60
CA GLY A 188 -9.61 23.49 10.11
C GLY A 188 -10.56 22.89 9.11
N GLY A 189 -10.02 22.43 7.97
CA GLY A 189 -10.83 21.90 6.90
C GLY A 189 -11.42 23.03 6.11
N GLN A 190 -10.59 24.04 5.83
CA GLN A 190 -11.10 25.30 5.22
C GLN A 190 -11.04 25.23 3.68
N PRO A 191 -12.11 25.66 3.00
CA PRO A 191 -12.13 25.59 1.55
C PRO A 191 -11.29 26.66 0.81
N VAL A 192 -11.04 26.35 -0.47
CA VAL A 192 -10.38 27.24 -1.41
C VAL A 192 -11.44 27.59 -2.44
N SER A 193 -11.51 28.87 -2.83
CA SER A 193 -12.47 29.33 -3.83
C SER A 193 -12.05 28.97 -5.24
N MET A 194 -13.02 28.79 -6.15
CA MET A 194 -12.72 28.66 -7.59
C MET A 194 -11.93 29.86 -8.14
N ALA A 195 -12.32 31.07 -7.74
CA ALA A 195 -11.64 32.28 -8.19
C ALA A 195 -10.15 32.17 -7.86
N ASN A 196 -9.82 31.70 -6.66
CA ASN A 196 -8.42 31.57 -6.22
C ASN A 196 -7.68 30.49 -7.02
N MET A 197 -8.34 29.34 -7.23
CA MET A 197 -7.75 28.27 -8.07
C MET A 197 -7.44 28.80 -9.48
N ARG A 198 -8.33 29.64 -10.01
CA ARG A 198 -8.20 30.14 -11.35
C ARG A 198 -7.05 31.14 -11.39
N ALA A 199 -6.99 32.00 -10.37
CA ALA A 199 -5.95 33.04 -10.27
C ALA A 199 -4.56 32.43 -10.10
N VAL A 200 -4.46 31.45 -9.21
CA VAL A 200 -3.22 30.70 -9.04
C VAL A 200 -2.74 30.06 -10.35
N ARG A 201 -3.64 29.38 -11.06
CA ARG A 201 -3.28 28.77 -12.35
C ARG A 201 -2.75 29.81 -13.33
N GLU A 202 -3.40 30.97 -13.36
CA GLU A 202 -3.02 32.01 -14.30
C GLU A 202 -1.62 32.54 -14.03
N LEU A 203 -1.33 32.81 -12.75
CA LEU A 203 -0.02 33.33 -12.37
C LEU A 203 1.10 32.32 -12.61
N THR A 204 0.86 31.07 -12.21
CA THR A 204 1.88 30.03 -12.31
C THR A 204 2.12 29.66 -13.76
N GLU A 205 1.03 29.55 -14.54
CA GLU A 205 1.14 29.28 -15.97
C GLU A 205 2.01 30.30 -16.71
N ALA A 206 1.88 31.59 -16.40
CA ALA A 206 2.68 32.64 -17.06
C ALA A 206 4.18 32.45 -16.81
N HIS A 207 4.50 31.80 -15.70
CA HIS A 207 5.89 31.61 -15.28
C HIS A 207 6.40 30.19 -15.50
N GLY A 208 5.56 29.33 -16.08
CA GLY A 208 5.91 27.94 -16.37
C GLY A 208 5.95 27.02 -15.15
N ILE A 209 5.30 27.42 -14.06
CA ILE A 209 5.32 26.65 -12.83
C ILE A 209 4.14 25.68 -12.78
N LYS A 210 4.43 24.44 -12.38
CA LYS A 210 3.43 23.41 -12.27
C LYS A 210 2.64 23.53 -10.97
N VAL A 211 1.39 23.06 -10.98
CA VAL A 211 0.50 23.13 -9.83
C VAL A 211 -0.07 21.75 -9.66
N PHE A 212 0.14 21.15 -8.49
CA PHE A 212 -0.39 19.82 -8.21
C PHE A 212 -1.32 19.89 -7.03
N TYR A 213 -2.52 19.35 -7.16
CA TYR A 213 -3.50 19.50 -6.08
C TYR A 213 -3.39 18.34 -5.09
N ASP A 214 -3.65 18.63 -3.83
CA ASP A 214 -3.93 17.57 -2.87
C ASP A 214 -5.45 17.44 -2.82
N ALA A 215 -5.93 16.37 -3.43
CA ALA A 215 -7.35 16.24 -3.75
C ALA A 215 -8.15 15.62 -2.61
N THR A 216 -7.50 15.29 -1.50
CA THR A 216 -8.09 14.37 -0.55
C THR A 216 -9.51 14.76 -0.05
N ARG A 217 -9.78 16.05 0.16
CA ARG A 217 -11.13 16.49 0.56
C ARG A 217 -11.75 17.47 -0.43
N CYS A 218 -11.57 17.16 -1.73
CA CYS A 218 -12.07 18.02 -2.79
C CYS A 218 -13.58 18.09 -2.90
N VAL A 219 -14.28 17.08 -2.39
CA VAL A 219 -15.73 17.09 -2.53
C VAL A 219 -16.32 18.02 -1.48
N GLU A 220 -15.83 17.90 -0.25
CA GLU A 220 -16.16 18.87 0.82
C GLU A 220 -15.89 20.30 0.31
N ASN A 221 -14.74 20.49 -0.30
CA ASN A 221 -14.38 21.78 -0.85
C ASN A 221 -15.37 22.25 -1.92
N ALA A 222 -15.77 21.36 -2.81
CA ALA A 222 -16.76 21.70 -3.86
C ALA A 222 -18.07 22.08 -3.21
N TYR A 223 -18.43 21.43 -2.10
CA TYR A 223 -19.67 21.77 -1.39
C TYR A 223 -19.66 23.25 -0.94
N PHE A 224 -18.56 23.68 -0.31
CA PHE A 224 -18.43 25.07 0.11
C PHE A 224 -18.54 26.03 -1.05
N ILE A 225 -17.96 25.64 -2.18
CA ILE A 225 -18.04 26.52 -3.38
C ILE A 225 -19.51 26.66 -3.80
N LYS A 226 -20.21 25.52 -3.95
CA LYS A 226 -21.64 25.57 -4.32
C LYS A 226 -22.45 26.44 -3.33
N GLU A 227 -22.16 26.27 -2.04
CA GLU A 227 -22.94 26.94 -0.99
C GLU A 227 -22.66 28.42 -0.89
N GLN A 228 -21.41 28.81 -1.13
CA GLN A 228 -20.96 30.15 -0.73
C GLN A 228 -20.34 31.05 -1.82
N GLU A 229 -19.91 30.49 -2.95
CA GLU A 229 -19.18 31.32 -3.90
C GLU A 229 -20.19 31.78 -4.92
N GLN A 230 -20.27 33.09 -5.12
CA GLN A 230 -21.27 33.66 -5.99
C GLN A 230 -21.08 33.12 -7.39
N GLY A 231 -22.18 32.70 -8.01
CA GLY A 231 -22.11 32.14 -9.35
C GLY A 231 -22.11 30.63 -9.44
N PHE A 232 -21.93 29.93 -8.30
CA PHE A 232 -21.82 28.49 -8.35
C PHE A 232 -23.06 27.81 -7.75
N GLU A 233 -24.02 28.63 -7.31
CA GLU A 233 -25.15 28.12 -6.51
C GLU A 233 -25.95 27.10 -7.30
N ASN A 234 -25.84 27.21 -8.62
CA ASN A 234 -26.56 26.47 -9.63
C ASN A 234 -25.83 25.28 -10.27
N LYS A 235 -24.54 25.14 -9.98
CA LYS A 235 -23.73 24.13 -10.62
C LYS A 235 -23.79 22.86 -9.80
N SER A 236 -23.62 21.71 -10.44
CA SER A 236 -23.68 20.48 -9.71
C SER A 236 -22.35 20.27 -8.98
N ILE A 237 -22.36 19.46 -7.92
CA ILE A 237 -21.10 19.13 -7.25
C ILE A 237 -20.07 18.62 -8.27
N ALA A 238 -20.53 17.76 -9.19
CA ALA A 238 -19.63 17.11 -10.14
C ALA A 238 -19.03 18.17 -11.07
N GLU A 239 -19.85 19.09 -11.58
CA GLU A 239 -19.33 20.20 -12.41
C GLU A 239 -18.31 21.03 -11.69
N ILE A 240 -18.55 21.31 -10.42
CA ILE A 240 -17.59 22.08 -9.60
C ILE A 240 -16.28 21.31 -9.51
N VAL A 241 -16.34 20.04 -9.09
CA VAL A 241 -15.14 19.20 -9.04
C VAL A 241 -14.37 19.18 -10.35
N HIS A 242 -15.05 18.98 -11.48
CA HIS A 242 -14.33 18.92 -12.73
C HIS A 242 -13.67 20.27 -13.04
N GLU A 243 -14.36 21.38 -12.83
CA GLU A 243 -13.73 22.69 -13.06
C GLU A 243 -12.53 22.91 -12.14
N MET A 244 -12.67 22.52 -10.86
CA MET A 244 -11.57 22.70 -9.92
C MET A 244 -10.30 22.10 -10.48
N PHE A 245 -10.35 20.84 -10.88
CA PHE A 245 -9.13 20.16 -11.37
C PHE A 245 -8.61 20.63 -12.73
N SER A 246 -9.45 21.37 -13.48
CA SER A 246 -9.02 21.92 -14.75
C SER A 246 -7.93 22.97 -14.53
N TYR A 247 -7.76 23.41 -13.28
CA TYR A 247 -6.74 24.43 -12.97
C TYR A 247 -5.43 23.81 -12.42
N ALA A 248 -5.31 22.49 -12.56
CA ALA A 248 -4.18 21.74 -12.03
C ALA A 248 -3.43 20.90 -13.10
N ASP A 249 -2.17 20.55 -12.79
CA ASP A 249 -1.40 19.69 -13.70
C ASP A 249 -1.47 18.22 -13.30
N GLY A 250 -2.04 17.97 -12.13
CA GLY A 250 -2.19 16.62 -11.62
C GLY A 250 -2.62 16.71 -10.17
N CYS A 251 -2.76 15.58 -9.48
CA CYS A 251 -3.09 15.63 -8.04
C CYS A 251 -2.58 14.39 -7.33
N THR A 252 -2.46 14.53 -6.01
CA THR A 252 -2.38 13.38 -5.11
C THR A 252 -3.74 13.22 -4.46
N MET A 253 -4.13 11.98 -4.25
CA MET A 253 -5.40 11.76 -3.58
C MET A 253 -5.31 10.65 -2.54
N SER A 254 -5.76 10.92 -1.33
CA SER A 254 -6.10 9.84 -0.41
C SER A 254 -7.57 9.51 -0.56
N GLY A 255 -7.89 8.41 -1.23
CA GLY A 255 -9.30 7.98 -1.40
C GLY A 255 -9.98 7.73 -0.06
N LYS A 256 -9.15 7.51 0.97
CA LYS A 256 -9.62 7.25 2.35
C LYS A 256 -10.44 8.39 2.96
N LYS A 257 -10.45 9.54 2.29
CA LYS A 257 -11.27 10.64 2.71
C LYS A 257 -12.50 10.72 1.81
N ASP A 258 -12.49 11.63 0.83
CA ASP A 258 -13.74 11.91 0.13
C ASP A 258 -14.18 10.81 -0.85
N CYS A 259 -13.35 9.80 -1.12
CA CYS A 259 -13.83 8.67 -1.94
C CYS A 259 -14.57 7.62 -1.11
N LEU A 260 -14.77 7.85 0.19
CA LEU A 260 -15.71 7.02 0.98
C LEU A 260 -15.26 5.57 1.12
N VAL A 261 -13.95 5.36 1.25
CA VAL A 261 -13.40 3.99 1.44
C VAL A 261 -12.55 3.88 2.69
N ASN A 262 -12.12 2.65 2.98
CA ASN A 262 -11.34 2.34 4.13
C ASN A 262 -9.83 2.20 3.79
N ILE A 263 -9.52 2.19 2.49
CA ILE A 263 -8.13 2.12 2.00
C ILE A 263 -8.18 2.57 0.55
N GLY A 264 -7.06 3.11 0.06
CA GLY A 264 -7.02 3.52 -1.35
C GLY A 264 -6.50 4.93 -1.59
N GLY A 265 -5.80 5.11 -2.71
CA GLY A 265 -5.40 6.46 -3.13
C GLY A 265 -4.93 6.40 -4.57
N PHE A 266 -4.50 7.53 -5.13
CA PHE A 266 -3.97 7.53 -6.48
C PHE A 266 -3.20 8.81 -6.75
N LEU A 267 -2.41 8.80 -7.83
CA LEU A 267 -1.69 9.94 -8.36
C LEU A 267 -2.22 10.20 -9.81
N CYS A 268 -2.61 11.43 -10.13
CA CYS A 268 -3.03 11.79 -11.50
C CYS A 268 -2.10 12.79 -12.09
N MET A 269 -1.93 12.75 -13.40
CA MET A 269 -1.18 13.78 -14.08
C MET A 269 -1.58 13.81 -15.54
N ASN A 270 -1.33 14.95 -16.18
CA ASN A 270 -1.63 15.11 -17.60
C ASN A 270 -0.41 14.80 -18.49
N ASP A 271 0.78 14.92 -17.93
CA ASP A 271 2.03 14.81 -18.70
C ASP A 271 2.43 13.35 -19.00
N ASP A 272 2.66 13.03 -20.28
CA ASP A 272 3.02 11.64 -20.66
C ASP A 272 4.33 11.17 -20.06
N GLU A 273 5.35 12.01 -20.05
CA GLU A 273 6.65 11.57 -19.53
C GLU A 273 6.60 11.34 -18.02
N MET A 274 5.94 12.23 -17.29
CA MET A 274 5.75 12.05 -15.86
C MET A 274 5.02 10.75 -15.57
N PHE A 275 4.04 10.42 -16.43
CA PHE A 275 3.27 9.18 -16.28
C PHE A 275 4.21 7.99 -16.37
N SER A 276 5.07 7.98 -17.39
CA SER A 276 6.07 6.92 -17.59
C SER A 276 6.97 6.72 -16.39
N SER A 277 7.55 7.83 -15.93
CA SER A 277 8.39 7.84 -14.75
C SER A 277 7.63 7.40 -13.51
N ALA A 278 6.37 7.82 -13.39
CA ALA A 278 5.58 7.46 -12.20
C ALA A 278 5.35 5.94 -12.13
N LYS A 279 5.10 5.34 -13.28
CA LYS A 279 4.98 3.88 -13.41
C LYS A 279 6.27 3.13 -13.07
N GLU A 280 7.42 3.66 -13.47
CA GLU A 280 8.68 3.04 -13.03
C GLU A 280 8.82 3.02 -11.52
N LEU A 281 8.41 4.11 -10.88
CA LEU A 281 8.53 4.25 -9.44
C LEU A 281 7.47 3.48 -8.68
N VAL A 282 6.24 3.45 -9.20
CA VAL A 282 5.18 2.76 -8.49
C VAL A 282 5.53 1.29 -8.25
N VAL A 283 6.21 0.65 -9.19
CA VAL A 283 6.55 -0.78 -9.08
C VAL A 283 7.52 -1.05 -7.91
N VAL A 284 8.31 -0.06 -7.54
CA VAL A 284 9.30 -0.17 -6.47
C VAL A 284 8.59 -0.17 -5.10
N TYR A 285 7.64 0.75 -4.93
CA TYR A 285 7.03 1.04 -3.63
C TYR A 285 5.65 0.46 -3.40
N GLU A 286 4.86 0.36 -4.46
CA GLU A 286 3.42 0.09 -4.28
C GLU A 286 2.98 -1.22 -4.91
N GLY A 287 3.36 -1.41 -6.19
CA GLY A 287 2.85 -2.55 -6.98
C GLY A 287 2.79 -2.14 -8.46
N MET A 288 2.30 -3.02 -9.32
N MET A 288 2.28 -3.02 -9.30
CA MET A 288 2.26 -2.80 -10.76
CA MET A 288 2.14 -2.78 -10.74
C MET A 288 1.29 -1.63 -11.03
C MET A 288 1.25 -1.56 -10.99
N PRO A 289 1.50 -0.83 -12.11
CA PRO A 289 0.61 0.32 -12.39
C PRO A 289 -0.87 -0.06 -12.46
N SER A 290 -1.13 -1.36 -12.61
N SER A 290 -1.14 -1.35 -12.62
CA SER A 290 -2.45 -1.90 -12.79
CA SER A 290 -2.52 -1.83 -12.78
C SER A 290 -3.18 -2.29 -11.52
C SER A 290 -3.26 -2.09 -11.49
N TYR A 291 -2.56 -2.05 -10.35
CA TYR A 291 -3.24 -2.22 -9.05
C TYR A 291 -2.66 -1.29 -7.95
N GLY A 292 -1.39 -0.93 -8.06
CA GLY A 292 -0.83 0.10 -7.19
C GLY A 292 -0.91 -0.21 -5.70
N GLY A 293 -0.76 -1.49 -5.31
CA GLY A 293 -0.83 -1.88 -3.88
C GLY A 293 -2.23 -1.97 -3.27
N LEU A 294 -3.23 -2.12 -4.15
CA LEU A 294 -4.63 -2.30 -3.79
C LEU A 294 -5.18 -3.62 -4.34
N ALA A 295 -5.99 -4.30 -3.51
CA ALA A 295 -6.82 -5.40 -4.02
C ALA A 295 -7.74 -4.83 -5.12
N GLY A 296 -8.09 -5.67 -6.09
CA GLY A 296 -9.05 -5.30 -7.16
C GLY A 296 -10.35 -4.79 -6.53
N ARG A 297 -10.86 -5.49 -5.51
CA ARG A 297 -12.10 -5.07 -4.85
C ARG A 297 -12.02 -3.63 -4.26
N ASP A 298 -10.85 -3.20 -3.78
CA ASP A 298 -10.67 -1.80 -3.30
C ASP A 298 -10.62 -0.71 -4.41
N MET A 299 -9.95 -1.02 -5.53
CA MET A 299 -10.15 -0.16 -6.75
C MET A 299 -11.61 0.01 -7.08
N GLU A 300 -12.35 -1.09 -7.05
CA GLU A 300 -13.79 -1.05 -7.36
C GLU A 300 -14.56 -0.19 -6.36
N ALA A 301 -14.33 -0.43 -5.07
CA ALA A 301 -14.99 0.36 -4.01
C ALA A 301 -14.68 1.85 -4.13
N MET A 302 -13.42 2.18 -4.44
CA MET A 302 -12.96 3.57 -4.58
C MET A 302 -13.63 4.21 -5.82
N ALA A 303 -13.74 3.46 -6.93
CA ALA A 303 -14.43 4.00 -8.13
C ALA A 303 -15.91 4.34 -7.81
N ILE A 304 -16.55 3.42 -7.10
CA ILE A 304 -17.97 3.56 -6.78
C ILE A 304 -18.14 4.71 -5.76
N GLY A 305 -17.29 4.75 -4.76
CA GLY A 305 -17.39 5.74 -3.68
C GLY A 305 -17.19 7.15 -4.22
N LEU A 306 -16.22 7.34 -5.11
CA LEU A 306 -15.96 8.68 -5.62
C LEU A 306 -17.21 9.22 -6.36
N ARG A 307 -17.90 8.35 -7.05
CA ARG A 307 -19.11 8.78 -7.77
C ARG A 307 -20.22 8.99 -6.75
N GLU A 308 -20.28 8.20 -5.64
CA GLU A 308 -21.33 8.43 -4.63
C GLU A 308 -21.19 9.82 -4.00
N ALA A 309 -19.93 10.21 -3.84
CA ALA A 309 -19.59 11.47 -3.17
C ALA A 309 -20.11 12.67 -3.93
N MET A 310 -20.42 12.49 -5.22
CA MET A 310 -20.92 13.63 -6.02
C MET A 310 -22.40 13.93 -5.78
N GLN A 311 -23.10 13.07 -5.03
CA GLN A 311 -24.52 13.35 -4.75
C GLN A 311 -24.64 14.55 -3.80
N TYR A 312 -25.33 15.59 -4.26
CA TYR A 312 -25.51 16.80 -3.45
C TYR A 312 -26.01 16.56 -2.03
N GLU A 313 -27.10 15.81 -1.91
CA GLU A 313 -27.66 15.60 -0.57
C GLU A 313 -26.68 14.92 0.37
N TYR A 314 -25.90 13.96 -0.15
CA TYR A 314 -24.90 13.26 0.66
C TYR A 314 -23.88 14.28 1.23
N ILE A 315 -23.27 15.07 0.37
CA ILE A 315 -22.20 15.98 0.81
C ILE A 315 -22.77 17.17 1.62
N GLU A 316 -23.95 17.72 1.23
CA GLU A 316 -24.61 18.71 2.08
C GLU A 316 -24.77 18.19 3.52
N HIS A 317 -25.27 16.95 3.66
CA HIS A 317 -25.48 16.40 5.00
C HIS A 317 -24.13 16.20 5.68
N ARG A 318 -23.15 15.70 4.93
CA ARG A 318 -21.84 15.40 5.52
C ARG A 318 -21.35 16.68 6.22
N VAL A 319 -21.31 17.77 5.46
CA VAL A 319 -20.75 19.03 5.98
C VAL A 319 -21.64 19.65 7.09
N LYS A 320 -22.98 19.56 6.96
CA LYS A 320 -23.85 20.19 7.95
C LYS A 320 -23.87 19.42 9.29
N GLN A 321 -23.57 18.14 9.24
CA GLN A 321 -23.48 17.33 10.45
C GLN A 321 -22.31 17.85 11.26
N VAL A 322 -21.18 18.06 10.60
CA VAL A 322 -20.00 18.68 11.23
C VAL A 322 -20.37 20.08 11.79
N ARG A 323 -21.01 20.87 10.96
CA ARG A 323 -21.43 22.21 11.36
C ARG A 323 -22.30 22.19 12.60
N TYR A 324 -23.22 21.22 12.68
CA TYR A 324 -24.10 21.09 13.85
C TYR A 324 -23.26 20.95 15.14
N LEU A 325 -22.27 20.08 15.10
CA LEU A 325 -21.44 19.90 16.29
C LEU A 325 -20.75 21.22 16.67
N GLY A 326 -20.18 21.89 15.68
CA GLY A 326 -19.53 23.17 15.93
C GLY A 326 -20.50 24.21 16.45
N ASP A 327 -21.70 24.26 15.87
CA ASP A 327 -22.73 25.16 16.36
C ASP A 327 -23.11 24.92 17.83
N LYS A 328 -23.23 23.66 18.24
CA LYS A 328 -23.65 23.40 19.60
C LYS A 328 -22.54 23.80 20.57
N LEU A 329 -21.31 23.48 20.19
CA LEU A 329 -20.11 23.88 20.97
C LEU A 329 -19.98 25.39 21.12
N LYS A 330 -20.08 26.10 20.01
CA LYS A 330 -20.09 27.59 20.02
C LYS A 330 -21.17 28.15 20.93
N ALA A 331 -22.39 27.66 20.78
CA ALA A 331 -23.52 28.11 21.60
C ALA A 331 -23.22 28.07 23.09
N ALA A 332 -22.42 27.11 23.53
CA ALA A 332 -22.11 26.98 24.95
C ALA A 332 -20.81 27.71 25.30
N GLY A 333 -20.26 28.46 24.35
CA GLY A 333 -19.03 29.27 24.59
C GLY A 333 -17.70 28.51 24.50
N VAL A 334 -17.73 27.28 24.00
CA VAL A 334 -16.52 26.46 23.79
C VAL A 334 -15.73 27.04 22.60
N PRO A 335 -14.42 27.31 22.80
CA PRO A 335 -13.62 27.92 21.75
C PRO A 335 -13.22 26.97 20.63
N ILE A 336 -13.57 27.33 19.40
CA ILE A 336 -13.33 26.45 18.27
C ILE A 336 -12.69 27.26 17.15
N VAL A 337 -12.08 26.57 16.20
CA VAL A 337 -11.70 27.17 14.95
C VAL A 337 -12.98 27.49 14.21
N GLU A 338 -13.04 28.68 13.63
CA GLU A 338 -14.15 29.13 12.82
C GLU A 338 -13.64 29.62 11.43
N PRO A 339 -14.50 29.54 10.40
CA PRO A 339 -15.80 28.84 10.45
C PRO A 339 -15.52 27.34 10.48
N VAL A 340 -16.54 26.55 10.81
CA VAL A 340 -16.35 25.13 10.89
C VAL A 340 -16.04 24.64 9.48
N GLY A 341 -15.09 23.72 9.37
CA GLY A 341 -14.68 23.16 8.08
C GLY A 341 -15.45 21.92 7.66
N GLY A 342 -14.92 21.21 6.68
CA GLY A 342 -15.69 20.15 5.99
C GLY A 342 -15.78 18.83 6.72
N HIS A 343 -14.78 18.52 7.56
CA HIS A 343 -14.56 17.12 8.09
C HIS A 343 -14.45 16.98 9.58
N ALA A 344 -14.33 18.12 10.29
CA ALA A 344 -14.05 18.10 11.73
C ALA A 344 -14.38 19.44 12.37
N VAL A 345 -14.56 19.43 13.68
CA VAL A 345 -14.53 20.65 14.49
C VAL A 345 -13.18 20.63 15.25
N PHE A 346 -12.51 21.76 15.31
CA PHE A 346 -11.20 21.84 15.92
C PHE A 346 -11.37 22.74 17.13
N LEU A 347 -11.27 22.15 18.31
CA LEU A 347 -11.23 22.92 19.54
C LEU A 347 -9.95 23.77 19.55
N ASP A 348 -10.04 25.04 19.95
CA ASP A 348 -8.86 25.92 20.06
C ASP A 348 -8.26 25.72 21.44
N ALA A 349 -7.23 24.87 21.51
CA ALA A 349 -6.55 24.51 22.76
C ALA A 349 -5.90 25.69 23.48
N ARG A 350 -5.50 26.70 22.71
CA ARG A 350 -4.87 27.89 23.34
C ARG A 350 -5.86 28.60 24.24
N ARG A 351 -7.13 28.64 23.80
CA ARG A 351 -8.20 29.32 24.54
C ARG A 351 -8.82 28.35 25.55
N PHE A 352 -9.01 27.10 25.14
CA PHE A 352 -9.52 26.10 26.05
C PHE A 352 -8.58 26.04 27.28
N CYS A 353 -7.26 26.13 27.05
CA CYS A 353 -6.26 26.05 28.13
C CYS A 353 -5.33 27.26 28.19
N GLU A 354 -5.87 28.42 28.57
CA GLU A 354 -5.09 29.67 28.63
C GLU A 354 -3.99 29.62 29.67
N HIS A 355 -4.18 28.71 30.63
CA HIS A 355 -3.31 28.58 31.80
C HIS A 355 -2.00 27.86 31.44
N LEU A 356 -1.97 27.25 30.26
CA LEU A 356 -0.79 26.57 29.71
C LEU A 356 -0.12 27.33 28.56
N THR A 357 1.19 27.14 28.44
CA THR A 357 2.00 27.65 27.36
C THR A 357 1.97 26.64 26.20
N GLN A 358 2.27 27.06 24.97
CA GLN A 358 2.26 26.10 23.84
C GLN A 358 3.36 25.05 24.01
N ASP A 359 4.47 25.45 24.66
CA ASP A 359 5.57 24.52 25.01
C ASP A 359 5.18 23.40 26.00
N GLU A 360 4.01 23.53 26.61
CA GLU A 360 3.49 22.57 27.58
C GLU A 360 2.41 21.69 26.91
N PHE A 361 2.36 21.79 25.59
CA PHE A 361 1.53 20.95 24.71
C PHE A 361 0.04 20.87 25.12
N PRO A 362 -0.64 22.04 25.19
CA PRO A 362 -2.07 22.06 25.59
C PRO A 362 -2.95 21.20 24.73
N ALA A 363 -2.66 21.18 23.44
CA ALA A 363 -3.51 20.39 22.53
C ALA A 363 -3.35 18.91 22.80
N GLN A 364 -2.11 18.42 22.89
CA GLN A 364 -1.90 16.99 23.20
C GLN A 364 -2.66 16.63 24.49
N SER A 365 -2.59 17.52 25.45
CA SER A 365 -3.14 17.25 26.78
C SER A 365 -4.66 17.28 26.81
N LEU A 366 -5.24 18.23 26.07
CA LEU A 366 -6.68 18.34 25.98
C LEU A 366 -7.25 17.07 25.36
N ALA A 367 -6.58 16.59 24.32
CA ALA A 367 -7.07 15.36 23.66
C ALA A 367 -7.13 14.21 24.67
N ALA A 368 -6.11 14.14 25.54
CA ALA A 368 -6.02 13.11 26.59
C ALA A 368 -7.22 13.26 27.54
N SER A 369 -7.41 14.49 28.01
CA SER A 369 -8.49 14.77 28.96
C SER A 369 -9.89 14.49 28.36
N ILE A 370 -10.10 14.86 27.09
CA ILE A 370 -11.36 14.52 26.44
C ILE A 370 -11.61 13.01 26.52
N TYR A 371 -10.60 12.22 26.17
CA TYR A 371 -10.80 10.77 26.25
C TYR A 371 -11.09 10.34 27.69
N VAL A 372 -10.33 10.88 28.65
CA VAL A 372 -10.49 10.40 30.02
C VAL A 372 -11.91 10.71 30.53
N GLU A 373 -12.38 11.92 30.26
CA GLU A 373 -13.69 12.36 30.74
C GLU A 373 -14.91 11.89 29.93
N THR A 374 -14.69 11.47 28.69
CA THR A 374 -15.83 11.18 27.81
C THR A 374 -15.78 9.84 27.06
N GLY A 375 -14.59 9.23 27.01
CA GLY A 375 -14.38 8.07 26.13
C GLY A 375 -14.41 8.41 24.62
N VAL A 376 -14.36 9.70 24.27
CA VAL A 376 -14.23 10.12 22.88
C VAL A 376 -12.76 10.31 22.53
N ARG A 377 -12.36 9.72 21.39
CA ARG A 377 -11.01 9.92 20.93
C ARG A 377 -10.97 11.08 19.93
N SER A 378 -9.98 11.96 20.11
CA SER A 378 -9.69 13.07 19.21
C SER A 378 -8.17 13.17 18.94
N MET A 379 -7.77 14.01 17.99
CA MET A 379 -6.36 14.10 17.58
C MET A 379 -5.70 15.46 17.90
N GLU A 380 -4.42 15.41 18.31
CA GLU A 380 -3.57 16.62 18.44
C GLU A 380 -3.33 17.19 17.04
N ARG A 381 -3.57 18.49 16.87
CA ARG A 381 -3.25 19.20 15.64
C ARG A 381 -2.64 20.57 15.98
N GLY A 382 -1.40 20.52 16.46
CA GLY A 382 -0.77 21.70 16.98
C GLY A 382 0.72 21.52 16.88
N ILE A 383 1.42 21.95 17.92
CA ILE A 383 2.88 21.96 17.96
C ILE A 383 3.52 20.56 17.81
N ILE A 384 2.89 19.52 18.38
CA ILE A 384 3.41 18.14 18.23
C ILE A 384 3.34 17.68 16.77
N SER A 385 2.17 17.80 16.16
CA SER A 385 2.03 17.49 14.73
C SER A 385 2.96 18.32 13.82
N ALA A 386 3.21 19.58 14.19
CA ALA A 386 4.01 20.51 13.36
C ALA A 386 5.46 20.03 13.13
N GLY A 387 5.96 19.21 14.05
CA GLY A 387 7.30 18.65 13.96
C GLY A 387 8.37 19.69 14.21
N ARG A 388 9.60 19.33 13.89
CA ARG A 388 10.70 20.25 14.11
C ARG A 388 11.20 20.89 12.83
N ASN A 389 11.70 22.12 12.99
CA ASN A 389 12.36 22.85 11.94
C ASN A 389 13.65 22.11 11.56
N ASN A 390 13.73 21.70 10.29
CA ASN A 390 14.80 20.81 9.88
C ASN A 390 16.16 21.49 9.65
N VAL A 391 16.28 22.74 10.11
CA VAL A 391 17.54 23.48 10.07
C VAL A 391 17.99 23.86 11.49
N THR A 392 17.06 24.41 12.28
CA THR A 392 17.36 24.90 13.64
C THR A 392 17.17 23.81 14.71
N GLY A 393 16.30 22.84 14.42
CA GLY A 393 16.00 21.78 15.37
C GLY A 393 14.99 22.19 16.43
N GLU A 394 14.48 23.41 16.36
CA GLU A 394 13.46 23.89 17.30
C GLU A 394 12.09 23.40 16.85
N HIS A 395 11.10 23.33 17.75
CA HIS A 395 9.72 23.00 17.34
C HIS A 395 9.28 24.05 16.33
N HIS A 396 8.62 23.62 15.26
CA HIS A 396 7.76 24.54 14.51
C HIS A 396 6.70 25.03 15.49
N ARG A 397 6.29 26.29 15.37
CA ARG A 397 5.34 26.85 16.30
C ARG A 397 4.11 27.39 15.59
N PRO A 398 3.12 26.53 15.34
CA PRO A 398 1.92 27.00 14.66
C PRO A 398 1.05 27.90 15.57
N LYS A 399 0.48 28.96 15.01
CA LYS A 399 -0.50 29.77 15.74
C LYS A 399 -1.69 28.89 16.07
N LEU A 400 -1.98 27.92 15.18
CA LEU A 400 -3.10 27.00 15.37
C LEU A 400 -2.65 25.81 16.22
N GLU A 401 -3.06 25.85 17.50
CA GLU A 401 -2.87 24.78 18.47
C GLU A 401 -4.25 24.23 18.79
N THR A 402 -4.63 23.17 18.08
CA THR A 402 -6.00 22.69 18.04
C THR A 402 -6.12 21.19 18.34
N VAL A 403 -7.30 20.79 18.81
CA VAL A 403 -7.65 19.38 19.01
C VAL A 403 -8.84 19.04 18.12
N ARG A 404 -8.70 17.97 17.34
CA ARG A 404 -9.58 17.72 16.21
C ARG A 404 -10.62 16.66 16.53
N LEU A 405 -11.90 17.05 16.47
CA LEU A 405 -13.00 16.09 16.57
C LEU A 405 -13.36 15.75 15.13
N THR A 406 -12.79 14.67 14.63
CA THR A 406 -12.85 14.36 13.21
C THR A 406 -13.96 13.39 12.90
N ILE A 407 -14.78 13.70 11.90
CA ILE A 407 -16.01 12.94 11.71
C ILE A 407 -15.92 12.03 10.47
N PRO A 408 -15.87 10.70 10.69
CA PRO A 408 -15.90 9.76 9.58
C PRO A 408 -17.22 9.92 8.84
N ARG A 409 -17.20 9.73 7.53
CA ARG A 409 -18.40 9.93 6.70
C ARG A 409 -19.38 8.78 6.87
N ARG A 410 -20.67 9.13 7.10
CA ARG A 410 -21.80 8.16 7.12
C ARG A 410 -21.77 7.16 8.27
N VAL A 411 -21.10 7.52 9.36
CA VAL A 411 -20.89 6.61 10.49
C VAL A 411 -21.74 6.96 11.72
N TYR A 412 -21.77 8.25 12.09
CA TYR A 412 -22.47 8.73 13.28
C TYR A 412 -23.75 9.52 12.97
N THR A 413 -24.54 9.78 14.01
CA THR A 413 -25.82 10.49 13.85
C THR A 413 -25.73 11.82 14.62
N TYR A 414 -26.77 12.65 14.56
CA TYR A 414 -26.78 13.85 15.41
C TYR A 414 -26.83 13.54 16.88
N ALA A 415 -27.40 12.40 17.26
CA ALA A 415 -27.45 12.02 18.67
C ALA A 415 -26.03 11.80 19.20
N HIS A 416 -25.20 11.14 18.38
CA HIS A 416 -23.77 10.99 18.72
C HIS A 416 -23.08 12.35 18.81
N MET A 417 -23.40 13.26 17.88
CA MET A 417 -22.85 14.62 17.99
C MET A 417 -23.24 15.29 19.31
N ASP A 418 -24.50 15.14 19.73
CA ASP A 418 -24.97 15.74 20.96
C ASP A 418 -24.20 15.13 22.12
N VAL A 419 -23.95 13.81 22.08
CA VAL A 419 -23.18 13.15 23.17
C VAL A 419 -21.79 13.78 23.25
N VAL A 420 -21.17 13.94 22.08
CA VAL A 420 -19.83 14.54 22.03
C VAL A 420 -19.85 15.99 22.57
N ALA A 421 -20.74 16.83 22.05
CA ALA A 421 -20.88 18.22 22.52
C ALA A 421 -21.06 18.31 24.03
N ASP A 422 -21.97 17.50 24.57
N ASP A 422 -21.99 17.51 24.58
CA ASP A 422 -22.26 17.49 26.01
CA ASP A 422 -22.24 17.53 26.03
C ASP A 422 -21.04 17.19 26.86
C ASP A 422 -21.00 17.23 26.85
N GLY A 423 -20.29 16.17 26.47
CA GLY A 423 -19.07 15.78 27.18
C GLY A 423 -17.97 16.84 27.10
N ILE A 424 -17.88 17.54 25.97
CA ILE A 424 -16.85 18.57 25.81
CA ILE A 424 -16.86 18.59 25.78
C ILE A 424 -17.21 19.83 26.60
N ILE A 425 -18.50 20.16 26.60
CA ILE A 425 -18.96 21.29 27.37
C ILE A 425 -18.67 21.09 28.88
N LYS A 426 -18.95 19.89 29.35
CA LYS A 426 -18.66 19.54 30.71
C LYS A 426 -17.19 19.71 31.00
N LEU A 427 -16.32 19.12 30.18
CA LEU A 427 -14.88 19.24 30.44
C LEU A 427 -14.43 20.72 30.53
N TYR A 428 -14.98 21.55 29.63
CA TYR A 428 -14.72 23.01 29.60
C TYR A 428 -14.99 23.71 30.97
N GLN A 429 -16.05 23.27 31.65
CA GLN A 429 -16.37 23.78 33.01
C GLN A 429 -15.22 23.64 33.98
N HIS A 430 -14.28 22.74 33.72
CA HIS A 430 -13.08 22.64 34.56
C HIS A 430 -11.82 22.56 33.72
N LYS A 431 -11.75 23.42 32.70
CA LYS A 431 -10.59 23.47 31.81
C LYS A 431 -9.24 23.64 32.54
N GLU A 432 -9.24 24.31 33.68
CA GLU A 432 -7.98 24.61 34.36
C GLU A 432 -7.33 23.37 34.99
N ASP A 433 -8.07 22.25 35.01
CA ASP A 433 -7.55 20.94 35.47
C ASP A 433 -6.64 20.22 34.48
N ILE A 434 -6.62 20.69 33.23
CA ILE A 434 -5.83 20.02 32.21
C ILE A 434 -4.36 20.43 32.41
N ARG A 435 -3.51 19.43 32.60
CA ARG A 435 -2.11 19.63 32.95
C ARG A 435 -1.15 19.67 31.76
N GLY A 436 -0.05 20.43 31.89
CA GLY A 436 1.00 20.44 30.88
C GLY A 436 1.64 19.05 30.66
N LEU A 437 2.05 18.79 29.40
CA LEU A 437 2.79 17.58 29.01
C LEU A 437 4.24 17.88 28.61
N LYS A 438 5.12 16.88 28.73
CA LYS A 438 6.51 16.91 28.24
C LYS A 438 6.82 15.58 27.53
N PHE A 439 7.70 15.59 26.51
CA PHE A 439 8.13 14.36 25.81
C PHE A 439 8.84 13.42 26.75
N ILE A 440 8.51 12.13 26.65
CA ILE A 440 9.37 11.06 27.16
C ILE A 440 9.90 10.19 26.03
N TYR A 441 9.22 10.17 24.88
CA TYR A 441 9.78 9.53 23.70
C TYR A 441 9.43 10.34 22.45
N GLU A 442 10.45 10.73 21.69
CA GLU A 442 10.20 11.51 20.47
C GLU A 442 10.81 10.84 19.23
N PRO A 443 9.94 10.31 18.33
CA PRO A 443 10.39 9.88 16.98
C PRO A 443 11.10 10.99 16.19
N LYS A 444 11.98 10.61 15.29
CA LYS A 444 12.76 11.55 14.47
C LYS A 444 11.95 12.31 13.38
N GLN A 445 10.79 11.80 13.00
CA GLN A 445 9.90 12.48 12.05
C GLN A 445 8.48 12.03 12.27
N LEU A 446 7.52 12.80 11.75
CA LEU A 446 6.09 12.50 11.96
C LEU A 446 5.85 12.04 13.42
N ARG A 447 6.51 12.75 14.37
CA ARG A 447 6.61 12.35 15.78
C ARG A 447 5.27 12.15 16.50
N PHE A 448 4.23 12.82 16.00
CA PHE A 448 2.97 12.91 16.70
C PHE A 448 2.27 11.55 16.70
N PHE A 449 2.56 10.74 15.68
CA PHE A 449 1.87 9.46 15.50
C PHE A 449 2.14 8.53 16.71
N THR A 450 3.35 8.53 17.23
CA THR A 450 3.74 7.52 18.22
C THR A 450 4.53 8.04 19.44
N ALA A 451 4.71 9.35 19.52
CA ALA A 451 5.38 9.96 20.70
C ALA A 451 4.62 9.69 22.02
N ARG A 452 5.37 9.63 23.12
CA ARG A 452 4.81 9.41 24.45
C ARG A 452 5.24 10.55 25.36
N PHE A 453 4.32 10.94 26.25
CA PHE A 453 4.51 12.08 27.12
C PHE A 453 4.33 11.67 28.58
N ASP A 454 4.59 12.63 29.46
CA ASP A 454 4.21 12.51 30.86
C ASP A 454 3.87 13.90 31.38
N TYR A 455 3.02 13.97 32.40
CA TYR A 455 2.65 15.26 32.98
C TYR A 455 3.86 16.00 33.57
N ILE A 456 3.95 17.31 33.34
CA ILE A 456 5.02 18.16 33.90
C ILE A 456 4.90 18.20 35.43
C MET B 1 -0.11 -39.24 -3.18
N ASN B 2 -0.30 -39.84 -4.35
CA ASN B 2 0.37 -39.35 -5.55
C ASN B 2 -0.13 -37.96 -5.90
N TYR B 3 -1.43 -37.84 -6.21
CA TYR B 3 -2.07 -36.52 -6.29
C TYR B 3 -3.37 -36.54 -5.51
N PRO B 4 -3.42 -35.78 -4.41
CA PRO B 4 -4.64 -35.85 -3.59
C PRO B 4 -5.78 -35.00 -4.16
N ALA B 5 -7.03 -35.38 -3.82
CA ALA B 5 -8.18 -34.57 -4.15
C ALA B 5 -8.08 -33.23 -3.37
N GLU B 6 -8.78 -32.18 -3.80
CA GLU B 6 -8.82 -30.91 -3.07
C GLU B 6 -9.35 -31.13 -1.64
N PRO B 7 -8.60 -30.65 -0.59
CA PRO B 7 -9.06 -30.85 0.78
C PRO B 7 -10.03 -29.72 1.16
N PHE B 8 -10.79 -29.26 0.15
CA PHE B 8 -11.81 -28.23 0.34
C PHE B 8 -12.82 -28.43 -0.76
N ARG B 9 -13.98 -27.80 -0.59
CA ARG B 9 -14.93 -27.73 -1.67
C ARG B 9 -15.21 -26.29 -2.03
N ILE B 10 -15.95 -26.10 -3.10
CA ILE B 10 -16.14 -24.76 -3.59
C ILE B 10 -17.33 -24.11 -2.86
N LYS B 11 -17.08 -22.97 -2.20
CA LYS B 11 -18.14 -22.13 -1.60
C LYS B 11 -18.78 -21.17 -2.59
N SER B 12 -17.96 -20.50 -3.42
CA SER B 12 -18.50 -19.62 -4.50
C SER B 12 -17.60 -19.67 -5.71
N VAL B 13 -18.16 -19.27 -6.86
CA VAL B 13 -17.38 -19.30 -8.10
C VAL B 13 -17.18 -17.89 -8.69
N GLU B 14 -16.13 -17.74 -9.52
CA GLU B 14 -15.90 -16.52 -10.24
C GLU B 14 -16.26 -16.83 -11.70
N THR B 15 -17.15 -16.03 -12.24
CA THR B 15 -17.63 -16.24 -13.59
C THR B 15 -16.54 -15.83 -14.58
N VAL B 16 -16.43 -16.65 -15.64
CA VAL B 16 -15.46 -16.40 -16.75
C VAL B 16 -16.18 -16.49 -18.12
N SER B 17 -15.60 -15.87 -19.15
CA SER B 17 -16.33 -15.70 -20.45
C SER B 17 -16.46 -16.93 -21.38
N MET B 18 -15.44 -17.78 -21.39
CA MET B 18 -15.43 -18.99 -22.24
C MET B 18 -15.34 -18.67 -23.75
N ILE B 19 -14.75 -17.54 -24.11
CA ILE B 19 -14.69 -17.17 -25.57
C ILE B 19 -13.85 -18.20 -26.32
N PRO B 20 -14.22 -18.53 -27.57
CA PRO B 20 -13.55 -19.54 -28.36
C PRO B 20 -12.26 -19.07 -29.02
N ARG B 21 -11.59 -20.02 -29.67
CA ARG B 21 -10.25 -19.82 -30.21
C ARG B 21 -10.19 -18.61 -31.16
N ASP B 22 -11.12 -18.51 -32.11
CA ASP B 22 -11.09 -17.36 -33.04
C ASP B 22 -11.16 -16.00 -32.33
N GLU B 23 -12.01 -15.92 -31.32
CA GLU B 23 -12.15 -14.70 -30.53
C GLU B 23 -10.91 -14.47 -29.65
N ARG B 24 -10.37 -15.55 -29.07
CA ARG B 24 -9.11 -15.42 -28.34
C ARG B 24 -8.01 -14.89 -29.24
N LEU B 25 -8.01 -15.28 -30.52
CA LEU B 25 -6.95 -14.79 -31.41
C LEU B 25 -7.03 -13.28 -31.58
N LYS B 26 -8.23 -12.76 -31.81
CA LYS B 26 -8.43 -11.31 -31.84
C LYS B 26 -8.02 -10.57 -30.55
N LYS B 27 -8.42 -11.09 -29.38
CA LYS B 27 -7.97 -10.49 -28.12
C LYS B 27 -6.44 -10.44 -28.08
N MET B 28 -5.78 -11.55 -28.44
CA MET B 28 -4.32 -11.61 -28.41
C MET B 28 -3.69 -10.60 -29.37
N GLN B 29 -4.29 -10.43 -30.53
CA GLN B 29 -3.79 -9.45 -31.48
C GLN B 29 -4.00 -8.02 -30.97
N GLU B 30 -5.19 -7.76 -30.41
CA GLU B 30 -5.47 -6.47 -29.77
C GLU B 30 -4.49 -6.12 -28.64
N ALA B 31 -4.01 -7.15 -27.92
CA ALA B 31 -2.95 -7.01 -26.91
C ALA B 31 -1.50 -7.01 -27.48
N GLY B 32 -1.38 -6.89 -28.81
CA GLY B 32 -0.04 -6.93 -29.47
C GLY B 32 0.79 -8.15 -29.12
N TYR B 33 0.11 -9.29 -28.87
CA TYR B 33 0.75 -10.56 -28.62
C TYR B 33 1.54 -10.54 -27.31
N ASN B 34 1.22 -9.60 -26.43
CA ASN B 34 1.86 -9.47 -25.13
C ASN B 34 0.80 -9.86 -24.08
N THR B 35 0.95 -11.03 -23.48
CA THR B 35 -0.03 -11.47 -22.48
C THR B 35 -0.24 -10.49 -21.34
N PHE B 36 0.76 -9.67 -21.00
CA PHE B 36 0.57 -8.61 -20.00
C PHE B 36 -0.50 -7.58 -20.36
N LEU B 37 -0.84 -7.45 -21.65
CA LEU B 37 -1.83 -6.48 -22.13
C LEU B 37 -3.27 -7.04 -22.25
N LEU B 38 -3.44 -8.33 -21.97
CA LEU B 38 -4.77 -8.93 -22.06
C LEU B 38 -5.63 -8.39 -20.93
N ASN B 39 -6.92 -8.23 -21.21
CA ASN B 39 -7.90 -7.91 -20.17
C ASN B 39 -8.25 -9.16 -19.35
N SER B 40 -8.32 -9.02 -18.03
CA SER B 40 -8.72 -10.12 -17.17
C SER B 40 -10.06 -10.79 -17.56
N LYS B 41 -11.03 -10.01 -18.00
CA LYS B 41 -12.37 -10.51 -18.41
C LYS B 41 -12.35 -11.37 -19.69
N ASP B 42 -11.22 -11.36 -20.41
CA ASP B 42 -11.05 -12.18 -21.62
C ASP B 42 -10.26 -13.49 -21.38
N ILE B 43 -9.96 -13.80 -20.12
CA ILE B 43 -9.01 -14.88 -19.83
C ILE B 43 -9.75 -15.94 -19.01
N TYR B 44 -9.61 -17.20 -19.42
CA TYR B 44 -10.31 -18.31 -18.76
C TYR B 44 -9.50 -18.70 -17.51
N ILE B 45 -8.22 -19.01 -17.69
CA ILE B 45 -7.36 -19.48 -16.61
C ILE B 45 -6.16 -18.53 -16.54
N ASP B 46 -5.99 -17.79 -15.46
CA ASP B 46 -4.97 -16.73 -15.43
C ASP B 46 -3.82 -17.16 -14.54
N LEU B 47 -2.75 -17.62 -15.19
CA LEU B 47 -1.51 -18.09 -14.53
C LEU B 47 -0.38 -17.05 -14.61
N LEU B 48 -0.73 -15.78 -14.76
CA LEU B 48 0.28 -14.71 -14.85
C LEU B 48 1.10 -14.71 -13.56
N THR B 49 0.42 -14.86 -12.42
CA THR B 49 1.12 -14.87 -11.13
C THR B 49 0.31 -15.53 -10.04
N ASP B 50 1.02 -16.05 -9.05
CA ASP B 50 0.37 -16.51 -7.83
C ASP B 50 0.31 -15.44 -6.74
N SER B 51 0.66 -14.20 -7.10
CA SER B 51 0.64 -13.11 -6.11
C SER B 51 -0.69 -12.40 -6.03
N GLY B 52 -1.33 -12.57 -4.90
CA GLY B 52 -2.53 -11.78 -4.65
C GLY B 52 -3.76 -12.29 -5.39
N THR B 53 -3.66 -13.48 -5.98
CA THR B 53 -4.73 -14.02 -6.85
C THR B 53 -5.46 -15.20 -6.16
N ASN B 54 -5.11 -15.46 -4.91
CA ASN B 54 -5.61 -16.62 -4.22
C ASN B 54 -7.11 -16.54 -3.92
N ALA B 55 -7.72 -17.72 -3.75
CA ALA B 55 -9.11 -17.86 -3.29
C ALA B 55 -9.13 -17.91 -1.77
N MET B 56 -9.95 -17.05 -1.16
CA MET B 56 -10.10 -17.04 0.27
C MET B 56 -11.14 -18.02 0.73
N SER B 57 -11.15 -18.37 2.01
CA SER B 57 -12.15 -19.30 2.53
C SER B 57 -13.41 -18.57 3.01
N ASP B 58 -14.46 -19.35 3.36
CA ASP B 58 -15.66 -18.81 4.00
C ASP B 58 -15.22 -18.11 5.32
N LYS B 59 -14.29 -18.71 6.06
CA LYS B 59 -13.87 -18.11 7.33
C LYS B 59 -13.20 -16.75 7.13
N GLN B 60 -12.38 -16.62 6.08
CA GLN B 60 -11.77 -15.33 5.72
C GLN B 60 -12.79 -14.29 5.30
N TRP B 61 -13.77 -14.71 4.51
CA TRP B 61 -14.85 -13.80 4.11
C TRP B 61 -15.71 -13.34 5.31
N ALA B 62 -15.93 -14.21 6.29
CA ALA B 62 -16.56 -13.82 7.57
C ALA B 62 -15.69 -12.74 8.25
N GLY B 63 -14.38 -12.94 8.24
CA GLY B 63 -13.42 -11.95 8.80
C GLY B 63 -13.50 -10.63 8.01
N MET B 64 -13.78 -10.70 6.72
CA MET B 64 -13.90 -9.52 5.88
C MET B 64 -15.07 -8.61 6.29
N MET B 65 -16.08 -9.21 6.91
CA MET B 65 -17.25 -8.47 7.39
C MET B 65 -17.03 -7.86 8.75
N MET B 66 -15.90 -8.19 9.38
N MET B 66 -15.92 -8.25 9.40
CA MET B 66 -15.61 -7.78 10.76
CA MET B 66 -15.57 -7.81 10.76
C MET B 66 -14.44 -6.79 10.82
C MET B 66 -14.33 -6.90 10.75
N GLY B 67 -14.22 -6.06 9.74
CA GLY B 67 -13.09 -5.09 9.66
C GLY B 67 -13.38 -3.97 10.66
N ASP B 68 -12.50 -3.83 11.68
CA ASP B 68 -12.48 -2.72 12.61
C ASP B 68 -11.55 -1.70 11.97
N GLU B 69 -12.14 -0.67 11.37
CA GLU B 69 -11.38 0.20 10.50
C GLU B 69 -10.73 1.36 11.20
N ALA B 70 -10.58 1.27 12.51
CA ALA B 70 -9.93 2.33 13.27
C ALA B 70 -8.56 2.64 12.70
N TYR B 71 -8.21 3.93 12.68
CA TYR B 71 -6.91 4.39 12.22
C TYR B 71 -5.75 3.91 13.13
N ALA B 72 -6.03 3.66 14.40
CA ALA B 72 -5.02 3.21 15.35
C ALA B 72 -5.66 2.21 16.32
N GLY B 73 -4.95 1.12 16.62
CA GLY B 73 -5.45 0.20 17.67
C GLY B 73 -6.55 -0.74 17.22
N SER B 74 -6.65 -1.01 15.91
CA SER B 74 -7.68 -1.94 15.41
C SER B 74 -7.56 -3.35 16.01
N GLU B 75 -8.69 -3.94 16.40
CA GLU B 75 -8.68 -5.33 16.89
C GLU B 75 -8.06 -6.27 15.86
N ASN B 76 -8.19 -5.94 14.57
CA ASN B 76 -7.69 -6.83 13.53
C ASN B 76 -6.19 -6.83 13.51
N PHE B 77 -5.60 -5.67 13.80
CA PHE B 77 -4.14 -5.62 13.90
C PHE B 77 -3.69 -6.52 15.06
N TYR B 78 -4.37 -6.46 16.19
CA TYR B 78 -3.92 -7.25 17.35
C TYR B 78 -4.08 -8.74 17.07
N HIS B 79 -5.10 -9.11 16.29
CA HIS B 79 -5.27 -10.53 15.87
C HIS B 79 -4.11 -10.97 14.95
N LEU B 80 -3.83 -10.14 13.95
CA LEU B 80 -2.66 -10.40 13.08
C LEU B 80 -1.36 -10.51 13.88
N GLU B 81 -1.16 -9.59 14.82
CA GLU B 81 0.09 -9.56 15.56
C GLU B 81 0.22 -10.85 16.38
N ARG B 82 -0.84 -11.24 17.07
CA ARG B 82 -0.82 -12.46 17.91
C ARG B 82 -0.53 -13.69 17.07
N THR B 83 -1.15 -13.73 15.90
CA THR B 83 -1.03 -14.88 15.02
C THR B 83 0.43 -15.01 14.52
N VAL B 84 1.04 -13.91 14.07
CA VAL B 84 2.39 -13.98 13.51
C VAL B 84 3.38 -14.29 14.62
N GLN B 85 3.18 -13.73 15.80
CA GLN B 85 4.07 -14.05 16.92
C GLN B 85 4.01 -15.54 17.24
N GLU B 86 2.80 -16.10 17.29
CA GLU B 86 2.67 -17.52 17.62
C GLU B 86 3.30 -18.38 16.52
N LEU B 87 2.98 -18.07 15.26
CA LEU B 87 3.36 -18.99 14.18
C LEU B 87 4.81 -18.85 13.67
N PHE B 88 5.30 -17.61 13.53
CA PHE B 88 6.67 -17.33 13.07
C PHE B 88 7.60 -17.17 14.24
N GLY B 89 7.09 -16.76 15.38
CA GLY B 89 7.95 -16.72 16.58
C GLY B 89 8.84 -15.49 16.65
N PHE B 90 8.59 -14.44 15.83
CA PHE B 90 9.28 -13.16 16.08
C PHE B 90 8.63 -12.36 17.21
N LYS B 91 9.43 -11.55 17.91
CA LYS B 91 8.88 -10.70 18.96
C LYS B 91 7.97 -9.61 18.42
N HIS B 92 8.33 -9.01 17.27
CA HIS B 92 7.69 -7.76 16.84
C HIS B 92 7.22 -7.86 15.40
N ILE B 93 6.06 -7.26 15.12
CA ILE B 93 5.57 -7.25 13.74
C ILE B 93 5.02 -5.89 13.35
N VAL B 94 5.35 -5.46 12.13
CA VAL B 94 4.82 -4.23 11.56
C VAL B 94 4.11 -4.60 10.25
N PRO B 95 2.80 -4.28 10.12
CA PRO B 95 2.09 -4.63 8.89
C PRO B 95 2.53 -3.71 7.78
N THR B 96 2.43 -4.19 6.54
CA THR B 96 2.74 -3.37 5.38
C THR B 96 1.69 -3.72 4.30
N HIS B 97 1.53 -2.88 3.28
CA HIS B 97 0.43 -3.18 2.37
C HIS B 97 0.72 -4.45 1.55
N GLN B 98 2.01 -4.73 1.32
CA GLN B 98 2.47 -6.01 0.71
C GLN B 98 4.00 -6.10 0.88
N GLY B 99 4.61 -7.10 0.23
CA GLY B 99 6.02 -7.44 0.50
C GLY B 99 7.00 -6.32 0.22
N ARG B 100 6.87 -5.66 -0.92
CA ARG B 100 7.85 -4.62 -1.23
C ARG B 100 7.77 -3.42 -0.28
N GLY B 101 6.62 -3.21 0.38
CA GLY B 101 6.56 -2.15 1.40
C GLY B 101 7.44 -2.54 2.60
N ALA B 102 7.38 -3.82 2.96
CA ALA B 102 8.24 -4.32 4.07
C ALA B 102 9.73 -4.25 3.67
N GLU B 103 10.03 -4.50 2.40
CA GLU B 103 11.43 -4.48 1.93
C GLU B 103 12.01 -3.07 1.98
N ASN B 104 11.20 -2.09 1.59
CA ASN B 104 11.62 -0.68 1.67
C ASN B 104 12.05 -0.36 3.11
N LEU B 105 11.22 -0.77 4.07
CA LEU B 105 11.47 -0.49 5.48
C LEU B 105 12.74 -1.22 5.92
N LEU B 106 12.84 -2.52 5.66
CA LEU B 106 14.01 -3.27 6.15
C LEU B 106 15.32 -2.68 5.63
N SER B 107 15.36 -2.39 4.34
CA SER B 107 16.63 -1.99 3.73
C SER B 107 17.08 -0.63 4.21
N GLN B 108 16.12 0.24 4.53
CA GLN B 108 16.46 1.56 5.08
C GLN B 108 16.95 1.43 6.49
N LEU B 109 16.43 0.45 7.21
CA LEU B 109 16.77 0.27 8.63
C LEU B 109 18.11 -0.43 8.83
N ALA B 110 18.45 -1.33 7.90
CA ALA B 110 19.50 -2.33 8.15
C ALA B 110 20.79 -2.17 7.33
N ILE B 111 20.83 -1.17 6.44
CA ILE B 111 21.97 -1.02 5.54
C ILE B 111 22.67 0.33 5.66
N LYS B 112 23.99 0.29 5.80
CA LYS B 112 24.80 1.49 5.63
C LYS B 112 25.41 1.42 4.23
N PRO B 113 25.44 2.56 3.52
CA PRO B 113 26.03 2.61 2.17
C PRO B 113 27.39 1.92 2.12
N GLY B 114 27.57 1.08 1.12
CA GLY B 114 28.85 0.41 0.92
C GLY B 114 28.89 -1.00 1.46
N GLN B 115 27.95 -1.32 2.35
CA GLN B 115 27.89 -2.66 2.93
C GLN B 115 27.38 -3.67 1.90
N TYR B 116 27.69 -4.93 2.14
CA TYR B 116 27.21 -6.03 1.29
C TYR B 116 25.94 -6.64 1.86
N VAL B 117 25.02 -7.00 0.97
CA VAL B 117 23.95 -7.89 1.34
C VAL B 117 24.09 -9.15 0.46
N ALA B 118 24.23 -10.32 1.10
CA ALA B 118 24.43 -11.55 0.35
C ALA B 118 23.19 -12.42 0.41
N GLY B 119 22.82 -13.05 -0.69
CA GLY B 119 21.60 -13.85 -0.67
C GLY B 119 21.62 -15.09 -1.55
N ASN B 120 20.63 -15.98 -1.34
CA ASN B 120 20.48 -17.12 -2.22
C ASN B 120 19.72 -16.73 -3.47
N MET B 121 20.45 -16.21 -4.45
CA MET B 121 19.88 -15.48 -5.60
C MET B 121 19.11 -14.27 -5.08
N TYR B 122 18.16 -13.75 -5.85
CA TYR B 122 17.44 -12.54 -5.46
C TYR B 122 16.07 -12.44 -6.12
N PHE B 123 15.22 -11.61 -5.52
CA PHE B 123 14.04 -11.12 -6.20
C PHE B 123 14.20 -9.63 -6.56
N THR B 124 13.59 -9.22 -7.69
CA THR B 124 13.83 -7.89 -8.25
CA THR B 124 13.73 -7.88 -8.27
C THR B 124 13.55 -6.72 -7.30
N THR B 125 12.42 -6.73 -6.58
CA THR B 125 12.11 -5.61 -5.69
C THR B 125 13.00 -5.65 -4.47
N THR B 126 13.23 -6.84 -3.95
CA THR B 126 14.03 -7.05 -2.77
C THR B 126 15.44 -6.54 -2.99
N ARG B 127 16.02 -6.90 -4.14
CA ARG B 127 17.39 -6.50 -4.44
C ARG B 127 17.45 -5.01 -4.73
N TYR B 128 16.46 -4.48 -5.42
CA TYR B 128 16.43 -3.04 -5.67
C TYR B 128 16.47 -2.20 -4.37
N HIS B 129 15.66 -2.59 -3.39
CA HIS B 129 15.63 -1.83 -2.13
C HIS B 129 16.96 -1.92 -1.39
N GLN B 130 17.63 -3.06 -1.50
CA GLN B 130 18.99 -3.20 -0.96
C GLN B 130 19.94 -2.23 -1.65
N GLU B 131 19.88 -2.17 -2.98
CA GLU B 131 20.84 -1.39 -3.75
C GLU B 131 20.57 0.11 -3.63
N LYS B 132 19.28 0.50 -3.61
CA LYS B 132 18.91 1.91 -3.50
C LYS B 132 19.41 2.46 -2.17
N ASN B 133 19.55 1.59 -1.18
CA ASN B 133 20.07 2.01 0.13
C ASN B 133 21.60 1.93 0.26
N GLY B 134 22.25 1.67 -0.86
CA GLY B 134 23.72 1.65 -0.91
C GLY B 134 24.42 0.31 -0.74
N ALA B 135 23.67 -0.79 -0.68
CA ALA B 135 24.28 -2.14 -0.58
C ALA B 135 24.80 -2.67 -1.91
N VAL B 136 25.85 -3.50 -1.83
CA VAL B 136 26.30 -4.30 -2.97
C VAL B 136 25.76 -5.71 -2.76
N PHE B 137 25.08 -6.23 -3.77
CA PHE B 137 24.53 -7.59 -3.71
C PHE B 137 25.55 -8.66 -4.09
N VAL B 138 25.56 -9.76 -3.35
CA VAL B 138 26.45 -10.92 -3.60
C VAL B 138 25.61 -12.19 -3.58
N ASP B 139 25.61 -12.94 -4.69
CA ASP B 139 24.92 -14.24 -4.76
C ASP B 139 25.74 -15.30 -4.04
N ILE B 140 25.18 -15.90 -3.00
CA ILE B 140 25.89 -16.98 -2.30
C ILE B 140 25.11 -18.30 -2.38
N VAL B 141 24.18 -18.39 -3.34
CA VAL B 141 23.49 -19.66 -3.60
C VAL B 141 24.52 -20.72 -4.07
N ARG B 142 24.24 -22.00 -3.81
CA ARG B 142 25.02 -23.13 -4.31
C ARG B 142 25.00 -23.07 -5.84
N ASP B 143 26.12 -23.41 -6.49
CA ASP B 143 26.24 -23.39 -7.96
C ASP B 143 25.16 -24.14 -8.73
N GLU B 144 24.70 -25.27 -8.17
CA GLU B 144 23.64 -26.11 -8.77
C GLU B 144 22.36 -25.40 -9.11
N ALA B 145 22.00 -24.42 -8.28
CA ALA B 145 20.83 -23.60 -8.47
C ALA B 145 20.78 -22.95 -9.84
N HIS B 146 21.96 -22.64 -10.40
CA HIS B 146 22.08 -22.03 -11.73
C HIS B 146 21.97 -23.03 -12.88
N ASP B 147 21.92 -24.32 -12.57
CA ASP B 147 21.71 -25.36 -13.59
C ASP B 147 20.24 -25.74 -13.61
N ALA B 148 19.52 -25.24 -14.62
CA ALA B 148 18.05 -25.36 -14.61
C ALA B 148 17.54 -26.75 -14.97
N GLY B 149 18.44 -27.63 -15.40
CA GLY B 149 18.05 -28.98 -15.80
C GLY B 149 18.41 -29.97 -14.72
N LEU B 150 19.09 -29.50 -13.67
CA LEU B 150 19.59 -30.40 -12.64
C LEU B 150 18.51 -30.75 -11.63
N ASN B 151 18.12 -32.01 -11.60
CA ASN B 151 17.03 -32.42 -10.74
C ASN B 151 17.58 -32.84 -9.39
N ILE B 152 17.87 -31.88 -8.52
CA ILE B 152 18.30 -32.20 -7.15
C ILE B 152 17.49 -31.49 -6.06
N ALA B 153 17.48 -32.04 -4.85
CA ALA B 153 16.64 -31.48 -3.79
C ALA B 153 17.28 -30.25 -3.14
N PHE B 154 16.45 -29.43 -2.51
CA PHE B 154 16.88 -28.23 -1.78
C PHE B 154 17.88 -27.39 -2.59
N LYS B 155 17.48 -27.11 -3.83
CA LYS B 155 18.31 -26.39 -4.79
C LYS B 155 18.50 -24.91 -4.38
N GLY B 156 17.68 -24.43 -3.46
CA GLY B 156 17.77 -23.05 -2.98
C GLY B 156 18.82 -22.78 -1.90
N ASP B 157 19.52 -23.84 -1.47
CA ASP B 157 20.48 -23.73 -0.36
C ASP B 157 21.63 -22.75 -0.59
N ILE B 158 21.98 -22.00 0.45
CA ILE B 158 23.17 -21.14 0.41
C ILE B 158 24.41 -22.02 0.45
N ASP B 159 25.45 -21.64 -0.30
CA ASP B 159 26.76 -22.25 -0.19
C ASP B 159 27.53 -21.63 0.99
N LEU B 160 27.69 -22.41 2.06
CA LEU B 160 28.39 -21.90 3.24
C LEU B 160 29.81 -21.41 2.94
N LYS B 161 30.48 -22.06 2.00
CA LYS B 161 31.83 -21.65 1.62
C LYS B 161 31.85 -20.24 1.01
N LYS B 162 30.89 -19.92 0.15
CA LYS B 162 30.75 -18.57 -0.42
C LYS B 162 30.48 -17.52 0.68
N LEU B 163 29.63 -17.87 1.63
CA LEU B 163 29.39 -17.01 2.79
C LEU B 163 30.66 -16.74 3.57
N GLN B 164 31.37 -17.83 3.89
CA GLN B 164 32.65 -17.76 4.58
C GLN B 164 33.65 -16.90 3.81
N LYS B 165 33.67 -17.08 2.49
CA LYS B 165 34.63 -16.35 1.66
C LYS B 165 34.37 -14.85 1.77
N LEU B 166 33.09 -14.48 1.66
CA LEU B 166 32.66 -13.09 1.78
C LEU B 166 33.11 -12.47 3.10
N ILE B 167 32.87 -13.17 4.21
CA ILE B 167 33.27 -12.72 5.55
C ILE B 167 34.79 -12.54 5.62
N ASP B 168 35.51 -13.48 5.04
CA ASP B 168 36.97 -13.44 5.07
C ASP B 168 37.51 -12.29 4.25
N GLU B 169 36.92 -12.09 3.08
CA GLU B 169 37.43 -11.11 2.14
C GLU B 169 36.97 -9.67 2.45
N LYS B 170 35.75 -9.54 2.95
CA LYS B 170 35.18 -8.22 3.17
C LYS B 170 35.11 -7.75 4.64
N GLY B 171 35.00 -8.70 5.57
CA GLY B 171 34.86 -8.39 6.99
C GLY B 171 33.40 -8.37 7.42
N ALA B 172 33.11 -8.96 8.57
CA ALA B 172 31.73 -9.03 9.09
C ALA B 172 31.10 -7.66 9.24
N GLU B 173 31.87 -6.68 9.72
CA GLU B 173 31.33 -5.34 9.94
C GLU B 173 30.80 -4.69 8.65
N ASN B 174 31.26 -5.19 7.50
CA ASN B 174 30.89 -4.68 6.20
C ASN B 174 29.77 -5.44 5.51
N ILE B 175 29.21 -6.40 6.22
CA ILE B 175 28.03 -7.13 5.73
C ILE B 175 26.81 -6.65 6.51
N ALA B 176 25.86 -6.01 5.80
CA ALA B 176 24.65 -5.51 6.43
C ALA B 176 23.83 -6.69 6.93
N TYR B 177 23.57 -7.65 6.05
CA TYR B 177 22.84 -8.86 6.41
C TYR B 177 22.83 -9.89 5.32
N ILE B 178 22.32 -11.07 5.67
CA ILE B 178 22.18 -12.17 4.75
C ILE B 178 20.70 -12.20 4.52
N CYS B 179 20.32 -12.23 3.24
N CYS B 179 20.31 -12.17 3.25
CA CYS B 179 18.91 -12.26 2.85
CA CYS B 179 18.91 -12.31 2.92
C CYS B 179 18.56 -13.65 2.28
C CYS B 179 18.70 -13.70 2.36
N LEU B 180 17.98 -14.50 3.12
CA LEU B 180 17.72 -15.87 2.73
C LEU B 180 16.27 -15.96 2.32
N ALA B 181 16.06 -16.29 1.05
CA ALA B 181 14.69 -16.34 0.53
C ALA B 181 14.18 -17.78 0.60
N VAL B 182 12.95 -17.97 1.05
CA VAL B 182 12.25 -19.28 1.04
C VAL B 182 10.86 -19.17 0.36
N THR B 183 10.58 -19.92 -0.71
CA THR B 183 11.54 -20.66 -1.56
C THR B 183 12.32 -19.66 -2.39
N VAL B 184 13.10 -20.14 -3.38
CA VAL B 184 13.91 -19.28 -4.25
C VAL B 184 13.21 -19.16 -5.63
N ASN B 185 12.53 -18.03 -5.82
CA ASN B 185 11.61 -17.78 -6.98
C ASN B 185 12.42 -17.87 -8.26
N LEU B 186 13.58 -17.22 -8.27
CA LEU B 186 14.42 -17.10 -9.48
C LEU B 186 14.96 -18.42 -10.00
N ALA B 187 15.15 -19.39 -9.11
CA ALA B 187 15.62 -20.73 -9.49
C ALA B 187 14.44 -21.65 -9.87
N GLY B 188 13.24 -21.10 -9.89
CA GLY B 188 12.06 -21.89 -10.28
C GLY B 188 11.14 -22.21 -9.11
N GLY B 189 11.35 -21.56 -7.96
CA GLY B 189 10.59 -21.85 -6.74
C GLY B 189 11.24 -22.96 -5.91
N GLN B 190 12.55 -22.90 -5.74
CA GLN B 190 13.27 -24.03 -5.15
C GLN B 190 13.39 -23.89 -3.62
N PRO B 191 13.17 -24.98 -2.88
CA PRO B 191 13.17 -24.87 -1.44
C PRO B 191 14.55 -24.83 -0.80
N VAL B 192 14.62 -24.36 0.46
CA VAL B 192 15.87 -24.34 1.26
C VAL B 192 15.68 -25.30 2.43
N SER B 193 16.72 -26.05 2.78
CA SER B 193 16.62 -27.07 3.84
C SER B 193 16.77 -26.44 5.21
N MET B 194 16.16 -27.09 6.20
CA MET B 194 16.39 -26.71 7.59
C MET B 194 17.88 -26.77 7.98
N ALA B 195 18.59 -27.82 7.55
CA ALA B 195 20.05 -27.91 7.83
C ALA B 195 20.78 -26.66 7.34
N ASN B 196 20.44 -26.18 6.15
CA ASN B 196 21.08 -25.00 5.60
C ASN B 196 20.74 -23.73 6.40
N MET B 197 19.48 -23.59 6.83
CA MET B 197 19.05 -22.42 7.60
C MET B 197 19.78 -22.39 8.95
N ARG B 198 19.93 -23.56 9.55
CA ARG B 198 20.67 -23.64 10.84
C ARG B 198 22.17 -23.37 10.67
N ALA B 199 22.75 -23.85 9.57
CA ALA B 199 24.17 -23.67 9.34
C ALA B 199 24.48 -22.19 9.10
N VAL B 200 23.62 -21.52 8.34
CA VAL B 200 23.74 -20.09 8.11
C VAL B 200 23.55 -19.30 9.41
N ARG B 201 22.57 -19.70 10.21
CA ARG B 201 22.36 -19.03 11.50
C ARG B 201 23.61 -19.15 12.36
N GLU B 202 24.19 -20.35 12.38
CA GLU B 202 25.35 -20.57 13.24
C GLU B 202 26.60 -19.81 12.82
N LEU B 203 26.86 -19.77 11.53
CA LEU B 203 28.04 -19.04 11.05
C LEU B 203 27.86 -17.53 11.21
N THR B 204 26.70 -17.00 10.83
CA THR B 204 26.46 -15.57 10.92
C THR B 204 26.48 -15.14 12.39
N GLU B 205 25.80 -15.91 13.25
CA GLU B 205 25.81 -15.61 14.69
C GLU B 205 27.22 -15.45 15.27
N ALA B 206 28.16 -16.31 14.89
CA ALA B 206 29.52 -16.22 15.44
C ALA B 206 30.18 -14.90 15.05
N HIS B 207 29.69 -14.26 14.00
CA HIS B 207 30.31 -13.02 13.49
C HIS B 207 29.50 -11.75 13.76
N GLY B 208 28.36 -11.91 14.44
CA GLY B 208 27.45 -10.79 14.72
C GLY B 208 26.73 -10.29 13.48
N ILE B 209 26.59 -11.15 12.49
CA ILE B 209 25.91 -10.77 11.26
C ILE B 209 24.44 -11.15 11.34
N LYS B 210 23.56 -10.21 10.99
CA LYS B 210 22.09 -10.41 10.97
C LYS B 210 21.62 -11.17 9.75
N VAL B 211 20.51 -11.90 9.90
CA VAL B 211 19.93 -12.68 8.80
C VAL B 211 18.45 -12.33 8.71
N PHE B 212 18.01 -11.86 7.54
CA PHE B 212 16.60 -11.60 7.35
C PHE B 212 16.02 -12.46 6.24
N TYR B 213 14.86 -13.06 6.48
CA TYR B 213 14.31 -13.98 5.50
C TYR B 213 13.39 -13.21 4.58
N ASP B 214 13.39 -13.59 3.31
CA ASP B 214 12.30 -13.18 2.44
C ASP B 214 11.35 -14.39 2.48
N ALA B 215 10.31 -14.29 3.30
CA ALA B 215 9.47 -15.41 3.73
C ALA B 215 8.25 -15.64 2.83
N THR B 216 8.20 -14.99 1.67
CA THR B 216 6.96 -14.95 0.89
CA THR B 216 7.03 -14.94 0.81
C THR B 216 6.39 -16.32 0.57
N ARG B 217 7.24 -17.31 0.28
CA ARG B 217 6.72 -18.66 0.04
C ARG B 217 7.25 -19.65 1.06
N CYS B 218 7.25 -19.21 2.31
CA CYS B 218 7.82 -20.04 3.39
C CYS B 218 6.99 -21.26 3.67
N VAL B 219 5.69 -21.24 3.29
CA VAL B 219 4.85 -22.40 3.63
C VAL B 219 5.05 -23.52 2.60
N GLU B 220 5.06 -23.19 1.30
CA GLU B 220 5.59 -24.10 0.29
C GLU B 220 6.95 -24.69 0.70
N ASN B 221 7.85 -23.83 1.15
CA ASN B 221 9.14 -24.32 1.65
C ASN B 221 9.04 -25.35 2.74
N ALA B 222 8.17 -25.08 3.73
CA ALA B 222 8.04 -26.01 4.85
C ALA B 222 7.47 -27.33 4.39
N TYR B 223 6.59 -27.30 3.38
CA TYR B 223 6.07 -28.55 2.82
C TYR B 223 7.23 -29.40 2.23
N PHE B 224 8.13 -28.79 1.44
CA PHE B 224 9.29 -29.54 0.92
C PHE B 224 10.14 -30.16 2.04
N ILE B 225 10.36 -29.40 3.11
CA ILE B 225 11.15 -29.94 4.24
C ILE B 225 10.43 -31.14 4.84
N LYS B 226 9.12 -31.01 5.09
CA LYS B 226 8.30 -32.13 5.59
C LYS B 226 8.44 -33.34 4.69
N GLU B 227 8.30 -33.11 3.38
CA GLU B 227 8.26 -34.19 2.42
C GLU B 227 9.64 -34.85 2.20
N GLN B 228 10.72 -34.06 2.19
CA GLN B 228 12.02 -34.55 1.71
C GLN B 228 13.23 -34.50 2.67
N GLU B 229 13.13 -33.74 3.76
CA GLU B 229 14.29 -33.62 4.64
C GLU B 229 14.20 -34.64 5.75
N GLN B 230 15.23 -35.47 5.85
N GLN B 230 15.23 -35.47 5.86
CA GLN B 230 15.27 -36.54 6.84
CA GLN B 230 15.23 -36.57 6.82
C GLN B 230 14.99 -35.95 8.20
C GLN B 230 15.09 -36.06 8.24
N GLY B 231 14.13 -36.63 8.96
CA GLY B 231 13.86 -36.24 10.34
C GLY B 231 12.74 -35.26 10.54
N PHE B 232 12.09 -34.81 9.46
CA PHE B 232 10.97 -33.89 9.60
C PHE B 232 9.62 -34.54 9.29
N GLU B 233 9.62 -35.87 9.22
CA GLU B 233 8.40 -36.55 8.86
C GLU B 233 7.36 -36.64 9.99
N ASN B 234 7.76 -36.53 11.26
CA ASN B 234 6.79 -36.48 12.38
C ASN B 234 6.44 -35.05 12.81
N LYS B 235 6.86 -34.07 12.01
CA LYS B 235 6.77 -32.67 12.39
C LYS B 235 5.59 -32.04 11.65
N SER B 236 4.88 -31.12 12.29
CA SER B 236 3.75 -30.50 11.61
C SER B 236 4.31 -29.36 10.77
N ILE B 237 3.52 -28.90 9.80
CA ILE B 237 3.90 -27.72 9.02
C ILE B 237 4.17 -26.56 9.98
N ALA B 238 3.31 -26.37 10.98
CA ALA B 238 3.48 -25.32 11.98
C ALA B 238 4.84 -25.40 12.71
N GLU B 239 5.21 -26.59 13.14
CA GLU B 239 6.48 -26.82 13.84
C GLU B 239 7.67 -26.47 12.94
N ILE B 240 7.55 -26.88 11.68
CA ILE B 240 8.60 -26.60 10.70
C ILE B 240 8.73 -25.10 10.49
N VAL B 241 7.61 -24.43 10.22
CA VAL B 241 7.62 -22.97 9.98
C VAL B 241 8.26 -22.20 11.16
N HIS B 242 7.89 -22.60 12.38
CA HIS B 242 8.37 -21.92 13.57
C HIS B 242 9.89 -22.16 13.73
N GLU B 243 10.33 -23.40 13.48
CA GLU B 243 11.78 -23.68 13.56
C GLU B 243 12.55 -22.90 12.47
N MET B 244 12.04 -22.90 11.25
CA MET B 244 12.69 -22.13 10.19
C MET B 244 13.01 -20.73 10.68
N PHE B 245 12.00 -19.98 11.13
CA PHE B 245 12.19 -18.58 11.57
C PHE B 245 13.00 -18.40 12.84
N SER B 246 13.23 -19.51 13.55
CA SER B 246 14.05 -19.44 14.75
C SER B 246 15.50 -19.17 14.34
N TYR B 247 15.79 -19.37 13.07
CA TYR B 247 17.17 -19.15 12.57
C TYR B 247 17.35 -17.76 11.93
N ALA B 248 16.37 -16.88 12.11
CA ALA B 248 16.45 -15.52 11.53
C ALA B 248 16.32 -14.43 12.59
N ASP B 249 16.79 -13.25 12.23
CA ASP B 249 16.62 -12.04 13.05
C ASP B 249 15.33 -11.29 12.72
N GLY B 250 14.73 -11.64 11.59
CA GLY B 250 13.44 -11.06 11.23
C GLY B 250 13.10 -11.50 9.82
N CYS B 251 12.07 -10.89 9.24
CA CYS B 251 11.69 -11.21 7.88
C CYS B 251 10.87 -10.13 7.24
N THR B 252 10.82 -10.20 5.91
CA THR B 252 9.79 -9.50 5.11
C THR B 252 8.86 -10.56 4.48
N MET B 253 7.56 -10.27 4.49
N MET B 253 7.56 -10.33 4.54
CA MET B 253 6.55 -11.23 4.09
CA MET B 253 6.69 -11.28 3.91
C MET B 253 5.59 -10.59 3.09
C MET B 253 5.63 -10.61 3.09
N SER B 254 5.37 -11.23 1.94
CA SER B 254 4.22 -10.86 1.09
C SER B 254 3.13 -11.85 1.43
N GLY B 255 2.07 -11.41 2.13
CA GLY B 255 0.96 -12.28 2.46
C GLY B 255 0.21 -12.73 1.23
N LYS B 256 0.40 -11.95 0.15
CA LYS B 256 -0.23 -12.20 -1.14
C LYS B 256 0.21 -13.54 -1.72
N LYS B 257 1.26 -14.14 -1.14
CA LYS B 257 1.59 -15.50 -1.56
C LYS B 257 1.03 -16.45 -0.55
N ASP B 258 1.85 -16.92 0.40
CA ASP B 258 1.43 -18.03 1.23
C ASP B 258 0.45 -17.70 2.37
N CYS B 259 0.09 -16.42 2.60
CA CYS B 259 -0.97 -16.12 3.58
C CYS B 259 -2.37 -16.14 2.92
N LEU B 260 -2.46 -16.58 1.67
CA LEU B 260 -3.75 -16.87 1.04
C LEU B 260 -4.68 -15.64 0.98
N VAL B 261 -4.09 -14.47 0.68
CA VAL B 261 -4.90 -13.23 0.57
C VAL B 261 -4.67 -12.57 -0.77
N ASN B 262 -5.45 -11.53 -1.03
CA ASN B 262 -5.37 -10.73 -2.23
C ASN B 262 -4.52 -9.45 -2.13
N ILE B 263 -4.18 -9.09 -0.88
CA ILE B 263 -3.34 -7.92 -0.55
C ILE B 263 -2.87 -8.15 0.90
N GLY B 264 -1.72 -7.58 1.27
CA GLY B 264 -1.23 -7.68 2.65
C GLY B 264 0.25 -8.14 2.71
N GLY B 265 0.97 -7.68 3.74
CA GLY B 265 2.34 -8.11 3.92
C GLY B 265 2.76 -7.70 5.33
N PHE B 266 4.02 -7.92 5.67
CA PHE B 266 4.45 -7.45 6.98
C PHE B 266 5.94 -7.61 7.17
N LEU B 267 6.49 -6.85 8.13
CA LEU B 267 7.89 -6.94 8.51
C LEU B 267 7.98 -7.45 9.95
N CYS B 268 8.88 -8.40 10.22
CA CYS B 268 9.08 -8.91 11.58
C CYS B 268 10.53 -8.70 11.97
N MET B 269 10.76 -8.55 13.27
CA MET B 269 12.08 -8.51 13.82
C MET B 269 12.05 -8.87 15.32
N ASN B 270 13.21 -9.26 15.85
CA ASN B 270 13.30 -9.57 17.27
C ASN B 270 13.87 -8.42 18.10
N ASP B 271 14.65 -7.55 17.45
CA ASP B 271 15.38 -6.48 18.13
C ASP B 271 14.45 -5.31 18.47
N ASP B 272 14.39 -4.98 19.76
CA ASP B 272 13.56 -3.90 20.25
C ASP B 272 13.90 -2.56 19.57
N GLU B 273 15.19 -2.23 19.49
CA GLU B 273 15.58 -0.94 18.91
C GLU B 273 15.21 -0.84 17.43
N MET B 274 15.43 -1.92 16.68
CA MET B 274 15.06 -1.95 15.27
C MET B 274 13.54 -1.80 15.11
N PHE B 275 12.77 -2.47 15.99
CA PHE B 275 11.31 -2.36 16.00
C PHE B 275 10.92 -0.89 16.19
N SER B 276 11.55 -0.24 17.16
CA SER B 276 11.27 1.17 17.41
CA SER B 276 11.25 1.18 17.39
C SER B 276 11.54 2.02 16.16
N SER B 277 12.68 1.81 15.52
CA SER B 277 13.03 2.54 14.29
C SER B 277 12.06 2.22 13.15
N ALA B 278 11.62 0.97 13.05
CA ALA B 278 10.66 0.57 12.03
C ALA B 278 9.35 1.29 12.15
N LYS B 279 8.92 1.47 13.41
CA LYS B 279 7.66 2.20 13.68
C LYS B 279 7.80 3.67 13.30
N GLU B 280 9.00 4.23 13.47
CA GLU B 280 9.22 5.59 13.02
C GLU B 280 9.13 5.76 11.50
N LEU B 281 9.46 4.72 10.75
CA LEU B 281 9.48 4.77 9.28
C LEU B 281 8.19 4.30 8.62
N VAL B 282 7.49 3.35 9.25
CA VAL B 282 6.26 2.81 8.62
C VAL B 282 5.28 3.97 8.33
N VAL B 283 5.23 4.95 9.24
CA VAL B 283 4.30 6.08 9.09
C VAL B 283 4.61 6.96 7.88
N VAL B 284 5.85 6.95 7.42
CA VAL B 284 6.18 7.78 6.27
C VAL B 284 5.66 7.22 4.95
N TYR B 285 5.72 5.90 4.82
CA TYR B 285 5.41 5.24 3.54
C TYR B 285 4.13 4.44 3.51
N GLU B 286 3.70 3.92 4.66
N GLU B 286 3.72 3.90 4.66
CA GLU B 286 2.63 2.91 4.67
CA GLU B 286 2.64 2.90 4.67
C GLU B 286 1.41 3.32 5.48
C GLU B 286 1.41 3.32 5.48
N GLY B 287 1.64 3.65 6.75
CA GLY B 287 0.55 4.00 7.71
C GLY B 287 1.05 3.70 9.12
N MET B 288 0.12 3.58 10.06
CA MET B 288 0.46 3.44 11.49
C MET B 288 1.06 2.10 11.74
N PRO B 289 1.84 1.96 12.84
CA PRO B 289 2.25 0.60 13.19
C PRO B 289 1.08 -0.37 13.34
N SER B 290 -0.15 0.13 13.51
CA SER B 290 -1.29 -0.79 13.65
C SER B 290 -2.23 -0.84 12.42
N TYR B 291 -1.75 -0.40 11.27
CA TYR B 291 -2.49 -0.79 10.03
C TYR B 291 -1.54 -0.93 8.82
N GLY B 292 -0.51 -0.09 8.77
CA GLY B 292 0.55 -0.32 7.76
C GLY B 292 0.06 -0.35 6.32
N GLY B 293 -0.94 0.47 6.01
CA GLY B 293 -1.41 0.58 4.65
C GLY B 293 -2.42 -0.48 4.28
N LEU B 294 -2.97 -1.18 5.30
CA LEU B 294 -4.06 -2.14 5.08
C LEU B 294 -5.36 -1.69 5.75
N ALA B 295 -6.51 -2.00 5.14
CA ALA B 295 -7.81 -1.93 5.80
C ALA B 295 -7.78 -2.96 6.95
N GLY B 296 -8.47 -2.68 8.05
CA GLY B 296 -8.60 -3.62 9.18
C GLY B 296 -9.07 -4.98 8.68
N ARG B 297 -10.04 -5.01 7.75
CA ARG B 297 -10.54 -6.30 7.25
C ARG B 297 -9.44 -7.12 6.55
N ASP B 298 -8.43 -6.46 5.97
CA ASP B 298 -7.37 -7.21 5.31
C ASP B 298 -6.35 -7.74 6.32
N MET B 299 -6.12 -7.02 7.40
CA MET B 299 -5.27 -7.58 8.46
C MET B 299 -5.97 -8.82 9.01
N GLU B 300 -7.31 -8.76 9.10
CA GLU B 300 -8.10 -9.92 9.58
C GLU B 300 -8.03 -11.10 8.62
N ALA B 301 -8.25 -10.84 7.33
CA ALA B 301 -8.15 -11.90 6.31
C ALA B 301 -6.78 -12.58 6.33
N MET B 302 -5.71 -11.79 6.46
CA MET B 302 -4.33 -12.32 6.46
C MET B 302 -4.01 -13.11 7.73
N ALA B 303 -4.51 -12.63 8.85
CA ALA B 303 -4.33 -13.38 10.10
C ALA B 303 -5.04 -14.75 9.97
N ILE B 304 -6.24 -14.76 9.42
CA ILE B 304 -6.96 -16.05 9.31
C ILE B 304 -6.25 -16.95 8.27
N GLY B 305 -5.82 -16.35 7.17
CA GLY B 305 -5.20 -17.06 6.02
C GLY B 305 -3.86 -17.69 6.41
N LEU B 306 -3.00 -16.95 7.11
CA LEU B 306 -1.75 -17.56 7.56
C LEU B 306 -2.03 -18.82 8.36
N ARG B 307 -3.02 -18.77 9.23
CA ARG B 307 -3.28 -19.95 10.06
C ARG B 307 -3.84 -21.10 9.21
N GLU B 308 -4.67 -20.80 8.19
CA GLU B 308 -5.16 -21.85 7.27
C GLU B 308 -4.04 -22.54 6.50
N ALA B 309 -3.03 -21.76 6.19
CA ALA B 309 -1.88 -22.24 5.44
C ALA B 309 -1.04 -23.27 6.18
N MET B 310 -1.15 -23.31 7.52
CA MET B 310 -0.50 -24.34 8.31
C MET B 310 -1.09 -25.73 8.14
N GLN B 311 -2.28 -25.84 7.57
CA GLN B 311 -2.87 -27.18 7.49
C GLN B 311 -2.10 -28.07 6.50
N TYR B 312 -1.61 -29.22 6.96
CA TYR B 312 -0.85 -30.12 6.09
C TYR B 312 -1.55 -30.45 4.76
N GLU B 313 -2.80 -30.90 4.83
CA GLU B 313 -3.50 -31.30 3.59
C GLU B 313 -3.61 -30.18 2.57
N TYR B 314 -3.80 -28.96 3.07
CA TYR B 314 -3.93 -27.79 2.20
C TYR B 314 -2.59 -27.61 1.40
N ILE B 315 -1.49 -27.57 2.11
CA ILE B 315 -0.21 -27.25 1.46
C ILE B 315 0.30 -28.43 0.63
N GLU B 316 0.06 -29.66 1.11
CA GLU B 316 0.37 -30.87 0.31
C GLU B 316 -0.37 -30.76 -1.02
N HIS B 317 -1.67 -30.51 -0.98
CA HIS B 317 -2.41 -30.39 -2.23
C HIS B 317 -1.92 -29.25 -3.12
N ARG B 318 -1.62 -28.09 -2.51
CA ARG B 318 -1.17 -26.93 -3.26
C ARG B 318 0.07 -27.30 -4.09
N VAL B 319 1.07 -27.87 -3.45
CA VAL B 319 2.36 -28.18 -4.08
C VAL B 319 2.21 -29.33 -5.10
N LYS B 320 1.37 -30.30 -4.77
CA LYS B 320 1.21 -31.47 -5.64
C LYS B 320 0.36 -31.17 -6.88
N GLN B 321 -0.46 -30.14 -6.81
CA GLN B 321 -1.21 -29.70 -7.97
C GLN B 321 -0.26 -29.08 -8.98
N VAL B 322 0.66 -28.24 -8.50
CA VAL B 322 1.72 -27.71 -9.37
C VAL B 322 2.55 -28.87 -9.94
N ARG B 323 2.95 -29.80 -9.06
CA ARG B 323 3.68 -30.99 -9.49
C ARG B 323 2.94 -31.79 -10.58
N TYR B 324 1.63 -31.94 -10.43
CA TYR B 324 0.81 -32.67 -11.41
C TYR B 324 1.00 -32.07 -12.79
N LEU B 325 0.91 -30.74 -12.87
CA LEU B 325 1.12 -30.04 -14.16
C LEU B 325 2.53 -30.30 -14.73
N GLY B 326 3.56 -30.19 -13.87
CA GLY B 326 4.95 -30.42 -14.30
C GLY B 326 5.19 -31.86 -14.71
N ASP B 327 4.69 -32.81 -13.90
CA ASP B 327 4.78 -34.24 -14.24
C ASP B 327 4.18 -34.56 -15.58
N LYS B 328 2.96 -34.08 -15.83
CA LYS B 328 2.30 -34.32 -17.12
C LYS B 328 3.04 -33.75 -18.35
N LEU B 329 3.53 -32.52 -18.22
CA LEU B 329 4.38 -31.91 -19.25
C LEU B 329 5.66 -32.70 -19.49
N LYS B 330 6.36 -33.00 -18.41
CA LYS B 330 7.61 -33.77 -18.48
C LYS B 330 7.37 -35.14 -19.12
N ALA B 331 6.27 -35.80 -18.79
CA ALA B 331 5.99 -37.11 -19.36
C ALA B 331 5.80 -37.06 -20.90
N ALA B 332 5.31 -35.94 -21.41
CA ALA B 332 5.15 -35.77 -22.86
C ALA B 332 6.43 -35.24 -23.54
N GLY B 333 7.48 -35.00 -22.75
CA GLY B 333 8.76 -34.55 -23.32
C GLY B 333 8.88 -33.03 -23.43
N VAL B 334 7.92 -32.31 -22.86
CA VAL B 334 7.94 -30.84 -22.85
C VAL B 334 9.05 -30.36 -21.91
N PRO B 335 9.97 -29.51 -22.41
CA PRO B 335 11.12 -29.07 -21.59
C PRO B 335 10.76 -28.03 -20.52
N ILE B 336 11.11 -28.35 -19.28
CA ILE B 336 10.76 -27.51 -18.14
C ILE B 336 11.98 -27.31 -17.24
N VAL B 337 11.93 -26.27 -16.40
CA VAL B 337 12.93 -26.08 -15.36
C VAL B 337 12.66 -27.20 -14.35
N GLU B 338 13.73 -27.85 -13.88
CA GLU B 338 13.61 -28.94 -12.91
C GLU B 338 14.47 -28.71 -11.64
N PRO B 339 14.06 -29.28 -10.47
CA PRO B 339 12.75 -29.92 -10.29
C PRO B 339 11.65 -28.85 -10.24
N VAL B 340 10.40 -29.25 -10.44
CA VAL B 340 9.28 -28.28 -10.37
C VAL B 340 9.26 -27.66 -8.97
N GLY B 341 9.08 -26.35 -8.91
CA GLY B 341 9.00 -25.61 -7.64
C GLY B 341 7.61 -25.63 -6.98
N GLY B 342 7.49 -24.82 -5.92
CA GLY B 342 6.28 -24.81 -5.12
C GLY B 342 5.06 -24.11 -5.73
N HIS B 343 5.27 -23.16 -6.66
CA HIS B 343 4.20 -22.20 -7.04
C HIS B 343 3.99 -22.10 -8.52
N ALA B 344 4.90 -22.69 -9.30
CA ALA B 344 4.84 -22.53 -10.76
C ALA B 344 5.59 -23.62 -11.48
N VAL B 345 5.30 -23.76 -12.78
CA VAL B 345 6.05 -24.60 -13.69
C VAL B 345 6.62 -23.64 -14.73
N PHE B 346 7.91 -23.74 -14.99
CA PHE B 346 8.54 -22.86 -15.97
C PHE B 346 8.87 -23.70 -17.21
N LEU B 347 8.30 -23.34 -18.36
CA LEU B 347 8.63 -23.95 -19.63
C LEU B 347 9.98 -23.38 -20.09
N ASP B 348 10.87 -24.25 -20.56
CA ASP B 348 12.12 -23.79 -21.19
C ASP B 348 11.84 -23.46 -22.68
N ALA B 349 11.51 -22.20 -22.94
CA ALA B 349 11.12 -21.77 -24.30
C ALA B 349 12.29 -21.83 -25.30
N ARG B 350 13.51 -21.80 -24.76
CA ARG B 350 14.67 -21.87 -25.64
C ARG B 350 14.69 -23.23 -26.32
N ARG B 351 14.41 -24.28 -25.56
CA ARG B 351 14.42 -25.64 -26.08
C ARG B 351 13.08 -25.91 -26.78
N PHE B 352 11.98 -25.41 -26.22
CA PHE B 352 10.64 -25.57 -26.82
C PHE B 352 10.70 -25.06 -28.27
N CYS B 353 11.25 -23.85 -28.45
CA CYS B 353 11.30 -23.20 -29.79
C CYS B 353 12.73 -23.06 -30.31
N GLU B 354 13.40 -24.19 -30.49
CA GLU B 354 14.82 -24.18 -30.86
C GLU B 354 15.02 -23.84 -32.36
N HIS B 355 13.93 -23.69 -33.11
CA HIS B 355 13.98 -23.15 -34.48
C HIS B 355 14.00 -21.61 -34.45
N LEU B 356 13.81 -21.01 -33.28
CA LEU B 356 13.86 -19.55 -33.15
C LEU B 356 15.07 -19.08 -32.35
N THR B 357 15.56 -17.88 -32.66
CA THR B 357 16.64 -17.28 -31.88
C THR B 357 16.06 -16.46 -30.74
N GLN B 358 16.88 -16.17 -29.73
CA GLN B 358 16.37 -15.41 -28.56
C GLN B 358 15.88 -14.05 -29.04
N ASP B 359 16.54 -13.52 -30.08
CA ASP B 359 16.14 -12.22 -30.64
C ASP B 359 14.76 -12.20 -31.27
N GLU B 360 14.20 -13.39 -31.45
CA GLU B 360 12.83 -13.57 -32.00
C GLU B 360 11.77 -13.81 -30.91
N PHE B 361 12.24 -13.77 -29.67
CA PHE B 361 11.40 -13.75 -28.48
C PHE B 361 10.55 -15.02 -28.34
N PRO B 362 11.23 -16.19 -28.26
CA PRO B 362 10.45 -17.43 -28.19
C PRO B 362 9.56 -17.50 -26.95
N ALA B 363 10.01 -17.02 -25.79
CA ALA B 363 9.14 -17.12 -24.58
C ALA B 363 7.90 -16.24 -24.76
N GLN B 364 8.12 -15.00 -25.20
CA GLN B 364 6.98 -14.12 -25.46
C GLN B 364 6.02 -14.80 -26.43
N SER B 365 6.55 -15.34 -27.51
CA SER B 365 5.71 -15.93 -28.54
C SER B 365 4.97 -17.20 -28.07
N LEU B 366 5.66 -18.05 -27.33
CA LEU B 366 5.02 -19.23 -26.72
C LEU B 366 3.88 -18.86 -25.77
N ALA B 367 4.09 -17.84 -24.93
CA ALA B 367 3.01 -17.35 -24.08
C ALA B 367 1.79 -16.89 -24.87
N ALA B 368 1.99 -16.23 -26.00
CA ALA B 368 0.86 -15.85 -26.86
C ALA B 368 0.15 -17.06 -27.40
N SER B 369 0.90 -18.04 -27.91
CA SER B 369 0.29 -19.27 -28.46
C SER B 369 -0.52 -20.03 -27.41
N ILE B 370 0.00 -20.07 -26.19
CA ILE B 370 -0.70 -20.77 -25.14
C ILE B 370 -2.06 -20.11 -24.91
N TYR B 371 -2.10 -18.77 -24.81
CA TYR B 371 -3.40 -18.10 -24.64
C TYR B 371 -4.33 -18.39 -25.80
N VAL B 372 -3.82 -18.26 -27.02
CA VAL B 372 -4.71 -18.49 -28.17
C VAL B 372 -5.26 -19.90 -28.18
N GLU B 373 -4.42 -20.91 -27.89
CA GLU B 373 -4.93 -22.28 -27.96
C GLU B 373 -5.80 -22.71 -26.77
N THR B 374 -5.68 -22.06 -25.60
CA THR B 374 -6.38 -22.57 -24.39
C THR B 374 -7.15 -21.56 -23.51
N GLY B 375 -6.92 -20.27 -23.72
CA GLY B 375 -7.45 -19.23 -22.84
C GLY B 375 -6.66 -19.12 -21.53
N VAL B 376 -5.46 -19.69 -21.55
CA VAL B 376 -4.57 -19.61 -20.40
C VAL B 376 -3.62 -18.45 -20.60
N ARG B 377 -3.57 -17.55 -19.62
CA ARG B 377 -2.49 -16.56 -19.53
C ARG B 377 -1.28 -17.04 -18.72
N SER B 378 -0.09 -16.87 -19.31
CA SER B 378 1.16 -17.20 -18.64
C SER B 378 2.11 -16.01 -18.72
N MET B 379 3.16 -15.99 -17.90
CA MET B 379 4.10 -14.84 -17.91
C MET B 379 5.43 -15.09 -18.68
N GLU B 380 5.74 -14.20 -19.61
CA GLU B 380 7.09 -14.20 -20.21
C GLU B 380 8.13 -13.93 -19.10
N ARG B 381 9.09 -14.83 -18.94
CA ARG B 381 10.21 -14.60 -18.07
C ARG B 381 11.49 -14.92 -18.88
N GLY B 382 11.77 -14.06 -19.86
CA GLY B 382 12.91 -14.22 -20.73
C GLY B 382 13.48 -12.89 -21.13
N ILE B 383 13.91 -12.82 -22.38
CA ILE B 383 14.66 -11.66 -22.90
C ILE B 383 13.82 -10.39 -22.79
N ILE B 384 12.52 -10.50 -23.02
CA ILE B 384 11.66 -9.30 -22.92
C ILE B 384 11.69 -8.74 -21.49
N SER B 385 11.33 -9.57 -20.51
N SER B 385 11.30 -9.56 -20.52
CA SER B 385 11.29 -9.10 -19.14
CA SER B 385 11.31 -9.14 -19.13
C SER B 385 12.65 -8.70 -18.56
C SER B 385 12.65 -8.55 -18.70
N ALA B 386 13.76 -9.14 -19.19
CA ALA B 386 15.11 -8.73 -18.80
C ALA B 386 15.40 -7.30 -19.17
N GLY B 387 14.74 -6.79 -20.21
CA GLY B 387 14.91 -5.40 -20.58
C GLY B 387 16.14 -5.12 -21.43
N ARG B 388 16.37 -3.84 -21.69
CA ARG B 388 17.44 -3.40 -22.56
C ARG B 388 18.44 -2.63 -21.71
N ASN B 389 19.74 -2.87 -21.92
CA ASN B 389 20.81 -2.06 -21.36
C ASN B 389 20.64 -0.63 -21.87
N ASN B 390 20.47 0.31 -20.95
CA ASN B 390 20.22 1.70 -21.36
C ASN B 390 21.49 2.51 -21.66
N VAL B 391 22.62 2.07 -21.10
CA VAL B 391 23.93 2.59 -21.51
C VAL B 391 24.20 2.26 -22.99
N THR B 392 24.12 0.97 -23.34
CA THR B 392 24.50 0.49 -24.67
C THR B 392 23.34 0.33 -25.64
N GLY B 393 22.13 0.15 -25.12
CA GLY B 393 20.96 -0.10 -25.96
C GLY B 393 20.77 -1.55 -26.39
N GLU B 394 21.64 -2.44 -25.91
CA GLU B 394 21.53 -3.86 -26.26
C GLU B 394 20.51 -4.55 -25.36
N HIS B 395 19.79 -5.54 -25.88
CA HIS B 395 19.02 -6.41 -25.01
C HIS B 395 19.92 -6.95 -23.86
N HIS B 396 19.39 -7.00 -22.65
CA HIS B 396 19.96 -7.90 -21.67
C HIS B 396 19.48 -9.27 -22.11
N ARG B 397 20.44 -10.18 -22.25
CA ARG B 397 20.15 -11.51 -22.76
C ARG B 397 20.30 -12.55 -21.66
N PRO B 398 19.18 -12.96 -21.04
CA PRO B 398 19.28 -13.84 -19.89
C PRO B 398 19.53 -15.30 -20.30
N LYS B 399 20.20 -16.06 -19.44
CA LYS B 399 20.40 -17.48 -19.67
C LYS B 399 19.05 -18.21 -19.72
N LEU B 400 18.16 -17.89 -18.78
CA LEU B 400 16.83 -18.49 -18.77
C LEU B 400 15.90 -17.77 -19.74
N GLU B 401 15.34 -18.53 -20.67
CA GLU B 401 14.34 -18.00 -21.60
C GLU B 401 13.09 -18.85 -21.31
N THR B 402 12.22 -18.33 -20.45
CA THR B 402 11.13 -19.13 -19.88
C THR B 402 9.75 -18.49 -20.00
N VAL B 403 8.75 -19.34 -19.90
CA VAL B 403 7.34 -18.94 -19.76
C VAL B 403 6.91 -19.50 -18.41
N ARG B 404 6.42 -18.64 -17.52
CA ARG B 404 6.05 -19.06 -16.15
C ARG B 404 4.56 -19.33 -16.07
N LEU B 405 4.21 -20.56 -15.69
CA LEU B 405 2.82 -20.99 -15.49
C LEU B 405 2.63 -20.93 -13.96
N THR B 406 2.13 -19.81 -13.45
CA THR B 406 2.20 -19.55 -12.02
C THR B 406 0.83 -19.86 -11.45
N ILE B 407 0.80 -20.63 -10.37
CA ILE B 407 -0.51 -21.16 -9.94
C ILE B 407 -1.06 -20.49 -8.65
N PRO B 408 -2.15 -19.69 -8.75
CA PRO B 408 -2.75 -19.10 -7.56
C PRO B 408 -3.27 -20.21 -6.66
N ARG B 409 -3.35 -19.94 -5.36
CA ARG B 409 -3.71 -21.00 -4.40
C ARG B 409 -5.23 -21.09 -4.32
N ARG B 410 -5.75 -22.34 -4.42
CA ARG B 410 -7.19 -22.70 -4.20
C ARG B 410 -8.14 -22.17 -5.28
N VAL B 411 -7.61 -21.81 -6.43
CA VAL B 411 -8.47 -21.19 -7.50
C VAL B 411 -8.86 -22.20 -8.60
N TYR B 412 -7.92 -23.09 -8.91
CA TYR B 412 -8.03 -24.01 -10.06
C TYR B 412 -8.09 -25.45 -9.61
N THR B 413 -8.50 -26.32 -10.53
CA THR B 413 -8.59 -27.74 -10.22
C THR B 413 -7.59 -28.53 -11.10
N TYR B 414 -7.50 -29.85 -10.91
CA TYR B 414 -6.66 -30.65 -11.82
C TYR B 414 -7.17 -30.61 -13.28
N ALA B 415 -8.48 -30.46 -13.47
CA ALA B 415 -9.02 -30.29 -14.83
C ALA B 415 -8.51 -29.02 -15.52
N HIS B 416 -8.36 -27.94 -14.75
CA HIS B 416 -7.81 -26.72 -15.35
C HIS B 416 -6.34 -27.00 -15.63
N MET B 417 -5.65 -27.72 -14.74
CA MET B 417 -4.28 -28.14 -15.06
C MET B 417 -4.19 -28.94 -16.36
N ASP B 418 -5.19 -29.80 -16.62
CA ASP B 418 -5.25 -30.56 -17.85
C ASP B 418 -5.47 -29.66 -19.07
N VAL B 419 -6.33 -28.64 -18.96
CA VAL B 419 -6.48 -27.66 -20.07
C VAL B 419 -5.11 -27.07 -20.44
N VAL B 420 -4.38 -26.65 -19.43
CA VAL B 420 -3.05 -26.02 -19.58
C VAL B 420 -2.09 -27.04 -20.22
N ALA B 421 -1.97 -28.21 -19.60
CA ALA B 421 -1.05 -29.25 -20.11
C ALA B 421 -1.39 -29.73 -21.50
N ASP B 422 -2.65 -30.10 -21.74
CA ASP B 422 -3.03 -30.65 -23.04
C ASP B 422 -2.75 -29.65 -24.12
N GLY B 423 -3.00 -28.38 -23.83
CA GLY B 423 -2.77 -27.33 -24.80
C GLY B 423 -1.29 -27.19 -25.12
N ILE B 424 -0.47 -27.20 -24.08
CA ILE B 424 0.99 -27.05 -24.28
C ILE B 424 1.57 -28.27 -25.03
N ILE B 425 1.16 -29.46 -24.62
CA ILE B 425 1.56 -30.72 -25.29
C ILE B 425 1.22 -30.72 -26.79
N LYS B 426 0.00 -30.33 -27.13
CA LYS B 426 -0.39 -30.22 -28.53
C LYS B 426 0.46 -29.19 -29.29
N LEU B 427 0.72 -28.05 -28.67
CA LEU B 427 1.67 -27.09 -29.25
C LEU B 427 3.05 -27.71 -29.46
N TYR B 428 3.52 -28.49 -28.48
CA TYR B 428 4.84 -29.10 -28.52
C TYR B 428 4.97 -30.07 -29.69
N GLN B 429 3.88 -30.79 -29.96
CA GLN B 429 3.85 -31.77 -31.05
C GLN B 429 4.06 -31.14 -32.42
N HIS B 430 3.83 -29.84 -32.54
N HIS B 430 3.76 -29.86 -32.59
CA HIS B 430 4.02 -29.12 -33.79
CA HIS B 430 4.11 -29.17 -33.84
C HIS B 430 4.78 -27.84 -33.51
C HIS B 430 4.79 -27.86 -33.54
N LYS B 431 5.76 -27.94 -32.62
CA LYS B 431 6.46 -26.76 -32.11
C LYS B 431 7.11 -25.91 -33.19
N GLU B 432 7.52 -26.54 -34.28
CA GLU B 432 8.21 -25.83 -35.35
C GLU B 432 7.29 -24.82 -36.02
N ASP B 433 5.98 -24.96 -35.83
CA ASP B 433 4.99 -24.01 -36.39
C ASP B 433 4.88 -22.68 -35.68
N ILE B 434 5.46 -22.58 -34.48
CA ILE B 434 5.39 -21.37 -33.65
C ILE B 434 6.25 -20.30 -34.32
N ARG B 435 5.70 -19.11 -34.50
CA ARG B 435 6.44 -18.07 -35.20
C ARG B 435 7.15 -17.12 -34.29
N GLY B 436 8.24 -16.54 -34.78
CA GLY B 436 8.93 -15.50 -34.04
C GLY B 436 8.17 -14.19 -34.02
N LEU B 437 8.49 -13.36 -33.02
CA LEU B 437 7.90 -12.02 -32.83
C LEU B 437 8.95 -10.93 -33.03
N LYS B 438 8.49 -9.73 -33.38
CA LYS B 438 9.34 -8.54 -33.50
C LYS B 438 8.59 -7.37 -32.86
N PHE B 439 9.32 -6.40 -32.30
CA PHE B 439 8.68 -5.27 -31.65
C PHE B 439 7.93 -4.49 -32.70
N ILE B 440 6.74 -4.00 -32.34
CA ILE B 440 6.17 -2.86 -33.09
C ILE B 440 5.99 -1.61 -32.19
N TYR B 441 6.00 -1.79 -30.86
CA TYR B 441 6.06 -0.65 -29.94
C TYR B 441 6.88 -1.08 -28.73
N GLU B 442 7.88 -0.29 -28.36
CA GLU B 442 8.72 -0.63 -27.21
C GLU B 442 8.91 0.62 -26.36
N PRO B 443 8.42 0.58 -25.10
CA PRO B 443 8.64 1.73 -24.22
C PRO B 443 10.09 1.71 -23.74
N LYS B 444 10.59 2.85 -23.29
CA LYS B 444 11.96 2.91 -22.76
C LYS B 444 12.17 2.12 -21.46
N GLN B 445 11.11 1.96 -20.68
CA GLN B 445 11.21 1.28 -19.37
C GLN B 445 10.03 0.35 -19.20
N LEU B 446 10.15 -0.61 -18.27
CA LEU B 446 9.09 -1.56 -18.01
C LEU B 446 8.49 -2.14 -19.27
N ARG B 447 9.34 -2.55 -20.21
CA ARG B 447 8.84 -2.93 -21.55
C ARG B 447 8.00 -4.17 -21.56
N PHE B 448 8.23 -5.08 -20.61
CA PHE B 448 7.38 -6.27 -20.55
C PHE B 448 5.89 -5.95 -20.30
N PHE B 449 5.61 -4.79 -19.68
N PHE B 449 5.63 -4.83 -19.63
CA PHE B 449 4.26 -4.40 -19.24
CA PHE B 449 4.26 -4.44 -19.29
C PHE B 449 3.40 -3.88 -20.40
C PHE B 449 3.45 -4.09 -20.53
N THR B 450 4.03 -3.20 -21.35
CA THR B 450 3.27 -2.56 -22.45
C THR B 450 3.84 -2.65 -23.89
N ALA B 451 4.94 -3.37 -24.08
CA ALA B 451 5.47 -3.57 -25.43
C ALA B 451 4.45 -4.28 -26.32
N ARG B 452 4.42 -3.93 -27.60
CA ARG B 452 3.56 -4.66 -28.52
C ARG B 452 4.41 -5.25 -29.63
N PHE B 453 3.98 -6.41 -30.10
CA PHE B 453 4.70 -7.21 -31.10
C PHE B 453 3.83 -7.52 -32.30
N ASP B 454 4.46 -8.05 -33.34
CA ASP B 454 3.76 -8.73 -34.42
C ASP B 454 4.63 -9.92 -34.88
N TYR B 455 4.05 -10.85 -35.64
CA TYR B 455 4.79 -12.02 -36.12
C TYR B 455 5.83 -11.64 -37.15
N ILE B 456 6.96 -12.32 -37.10
CA ILE B 456 8.02 -12.12 -38.10
C ILE B 456 7.55 -12.57 -39.49
OP2 PLI C . -3.30 9.11 5.09
P PLI C . -2.96 9.02 3.64
OP1 PLI C . -1.55 8.54 3.46
OP3 PLI C . -3.93 8.27 2.76
OP4 PLI C . -3.00 10.51 3.05
C5A PLI C . -2.04 11.52 3.53
C5 PLI C . -2.74 12.86 3.51
C6 PLI C . -2.55 13.76 2.46
N1 PLI C . -3.19 14.97 2.43
C2 PLI C . -4.06 15.41 3.34
C2A PLI C . -4.75 16.75 3.21
C3 PLI C . -4.39 14.52 4.49
O3A PLI C . -5.23 14.91 5.44
C4 PLI C . -3.69 13.22 4.57
C4A PLI C . -3.94 12.28 5.70
N PLI C . -4.75 12.68 6.66
CA PLI C . -4.89 12.03 7.83
CB PLI C . -4.25 10.68 8.12
C PLI C . -5.71 12.71 8.80
O PLI C . -6.04 12.16 9.86
OXT PLI C . -6.08 13.88 8.49
C1 PGE D . -23.78 5.01 26.92
O1 PGE D . -22.93 5.58 27.92
C2 PGE D . -22.93 4.30 25.88
O2 PGE D . -23.19 2.90 25.91
C3 PGE D . -23.70 2.37 24.68
C4 PGE D . -24.05 0.90 24.90
O4 PGE D . -22.35 -1.05 28.43
C6 PGE D . -23.33 -1.57 27.53
C5 PGE D . -23.17 -1.00 26.12
O3 PGE D . -23.42 0.42 26.10
K K E . -9.23 1.75 7.62
K K F . -4.95 -8.83 -5.88
OP2 PLI G . 5.51 -6.63 -3.09
P PLI G . 4.99 -8.05 -3.19
OP1 PLI G . 3.96 -8.38 -2.17
OP3 PLI G . 4.67 -8.40 -4.61
OP4 PLI G . 6.20 -9.04 -2.83
C5A PLI G . 7.46 -8.86 -3.52
C5 PLI G . 8.17 -10.19 -3.59
C6 PLI G . 9.20 -10.50 -2.68
N1 PLI G . 9.84 -11.71 -2.72
C2 PLI G . 9.53 -12.71 -3.56
C2A PLI G . 10.32 -14.01 -3.50
C3 PLI G . 8.44 -12.52 -4.57
O3A PLI G . 8.13 -13.48 -5.45
C4 PLI G . 7.73 -11.20 -4.57
C4A PLI G . 6.63 -10.91 -5.55
N PLI G . 6.34 -11.83 -6.47
CA PLI G . 5.60 -11.64 -7.59
CB PLI G . 4.92 -10.32 -7.79
C PLI G . 5.50 -12.73 -8.57
O PLI G . 6.25 -13.74 -8.39
OXT PLI G . 4.76 -12.60 -9.60
O22 P33 H . -12.34 -31.34 -22.97
C21 P33 H . -11.15 -32.14 -22.83
C20 P33 H . -10.95 -32.58 -21.38
O19 P33 H . -10.69 -31.46 -20.52
C18 P33 H . -9.77 -31.77 -19.47
C17 P33 H . -10.51 -32.14 -18.19
O16 P33 H . -10.53 -33.56 -18.00
C15 P33 H . -11.40 -33.92 -16.91
C14 P33 H . -11.35 -35.40 -16.53
O13 P33 H . -10.83 -35.61 -15.22
C12 P33 H . -10.33 -36.93 -15.05
C11 P33 H . -9.51 -37.07 -13.78
O10 P33 H . -8.12 -37.37 -14.07
C9 P33 H . -7.17 -36.46 -13.48
C8 P33 H . -6.35 -37.15 -12.40
O7 P33 H . -5.97 -36.22 -11.39
C6 P33 H . -5.54 -36.85 -10.18
C5 P33 H . -6.51 -36.53 -9.06
O4 P33 H . -6.46 -37.43 -7.96
C3 P33 H . -7.72 -38.04 -7.67
C2 P33 H . -7.74 -38.62 -6.26
O1 P33 H . -8.21 -39.98 -6.26
#